data_8BLW
#
_entry.id   8BLW
#
_cell.length_a   1.00
_cell.length_b   1.00
_cell.length_c   1.00
_cell.angle_alpha   90.00
_cell.angle_beta   90.00
_cell.angle_gamma   90.00
#
_symmetry.space_group_name_H-M   'P 1'
#
loop_
_entity.id
_entity.type
_entity.pdbx_description
1 polymer 'Vitamin B12 transporter BtuB1'
2 polymer 'YncE family protein'
3 non-polymer beta-D-galactopyranose
#
loop_
_entity_poly.entity_id
_entity_poly.type
_entity_poly.pdbx_seq_one_letter_code
_entity_poly.pdbx_strand_id
1 'polypeptide(L)'
;MRRNTFIKKMSVLLCCQALSLSLFAQQQKVDTAHIYSIPEIMVSDPYQTREVRSASPLQVFNKEELKNLQALQVSDAVKH
FAGVTVKDYGGIGGLKTVSIRSLGAQHTAVSYDGITVSDCQTGQVDIGRFSLNNVDRLSLNNGQSDNIFQPARFFASAGI
LNIQTLTPHFKEDKPTNIAAEFKTGSWGLVNPSLFLEQQLNKKWSMTANGEWMSSDGHYPFTLRYGNDADVQVSKEKRRN
TDVENLRAEISAFANLSDKEQWRLKAYYYQSSRGLPNATTLYYDFSRQNLRDKNTFIQSQYKKEFSRKWVFQTSAKWNWS
YQNYQDPDALTSVGGTDNSYYQQEYYLSASALYRIWNNLSFSLSTDGSINTMNANLQNFVSPTRYSWLTAFAGKYVNEWV
TLSASALATVINEKAKNGGNAGNHRKLSPNVSISLKPFHNEELRFRFFYKDIFRLPSFNDLYYDKAGNINLKPESATQYN
IGITYSKAINNFIPYLSATVDAYHNKVTDKIVATPTKNLFIWSMVNLGKVDIKGIDATASLSLQPLDKLRINLSGNYTYQ
RALDVTNSNPNSPEGKVYKHQIAYTPRVSASGQAGIETPWLNLSYSFLFSGKRYMLGQNISDNRLDSYSDHSISAYRDFK
IQKVTASLNLEVLNLMNRNYEIVKNFPMPGRSVRVTIGVRYGGGHHHHHH
;
A
2 'polypeptide(L)'
;MQKGLLYNMLLRLGKYFFLFPLFFIACDDLEDKPSIVPESNGDVFETGTAEMYILSEGLFNQNNSSLARYSFNRQRCTNN
YFSANNQRGLGDTANDIAIYGNKIYVVVNVSSTVEVIDFPTGKSIRQISMLRDNGSSRQPRAIAFDKDKAYICSYDGTVA
RIDTTSLEIEEIVTVGRNAEDICVQNGKLYVSNSGGLDYSGPGVDTTVSVIDITTFKETKKIEVGPNPGKILPGLEEAVY
VVTRGTDIEAGDYHLVKIDSRTDAVAITYDEKVLSFAIDGPIAYLYTYDYQTKDSAIKVFDLNAGTVIRDNFITDGTAIQ
TPFSIQLNPFSGNIYITEAYNYTVKGDVLCFNQQGQLQYRLNDIGLNPNTVVFSDKASQNEAGDTPEDPNAPSAFANKVF
EYIPAPGQFINTTTSAYEDGFSAGQVLEHATEKLKKKSVISLGGFGGTITVGFHQSIRNSKGEYDFRILGNASYNQNTGT
GALGGSAEPGIVLVSKDENGNGLPDDEWYELAGSEYGKDTETRNYEITYYRPQPANGDVRWTDNQGGEGFVYRNSYHQQD
SYYPNWIEEDEITFRGTRLKDNAINEGGTWVGYCYPWGYADNHPNRSEFSQFKIDWAVDQNGNHVELDKIDFVKIYTAVN
QNVGWMGEISTEVMTVEDLHFEN
;
B
#
loop_
_chem_comp.id
_chem_comp.type
_chem_comp.name
_chem_comp.formula
GAL D-saccharide, beta linking beta-D-galactopyranose 'C6 H12 O6'
#
# COMPACT_ATOMS: atom_id res chain seq x y z
N THR A 49 15.02 -0.72 46.95
CA THR A 49 13.85 -1.34 46.34
C THR A 49 14.18 -1.88 44.95
N ARG A 50 13.16 -2.27 44.20
CA ARG A 50 13.32 -2.79 42.85
C ARG A 50 13.49 -1.64 41.87
N GLU A 51 13.56 -1.97 40.58
CA GLU A 51 13.63 -1.09 39.40
C GLU A 51 15.00 -0.39 39.28
N VAL A 52 15.84 -0.54 40.31
CA VAL A 52 17.20 -0.01 40.32
C VAL A 52 18.24 -1.12 40.33
N ARG A 53 18.04 -2.14 41.17
CA ARG A 53 18.98 -3.25 41.27
C ARG A 53 18.89 -4.22 40.11
N SER A 54 17.86 -4.11 39.27
CA SER A 54 17.67 -5.05 38.17
C SER A 54 18.72 -4.83 37.08
N ALA A 55 19.36 -5.90 36.64
CA ALA A 55 20.34 -5.81 35.57
C ALA A 55 19.69 -5.50 34.23
N SER A 56 18.63 -6.21 33.87
CA SER A 56 17.83 -5.88 32.71
C SER A 56 16.97 -4.66 33.01
N PRO A 57 16.49 -3.98 31.97
CA PRO A 57 15.69 -2.77 32.21
C PRO A 57 14.29 -3.11 32.68
N LEU A 58 14.04 -2.85 33.97
CA LEU A 58 12.78 -3.17 34.63
C LEU A 58 12.00 -1.90 34.92
N GLN A 59 10.71 -1.92 34.63
CA GLN A 59 9.77 -0.91 35.10
C GLN A 59 8.62 -1.60 35.80
N VAL A 60 8.17 -1.02 36.91
CA VAL A 60 7.17 -1.65 37.75
C VAL A 60 6.13 -0.64 38.18
N PHE A 61 4.87 -1.03 38.11
CA PHE A 61 3.75 -0.33 38.71
C PHE A 61 3.17 -1.23 39.79
N ASN A 62 3.12 -0.73 41.02
CA ASN A 62 2.47 -1.44 42.10
C ASN A 62 0.97 -1.16 42.06
N LYS A 63 0.27 -1.56 43.13
CA LYS A 63 -1.17 -1.37 43.17
C LYS A 63 -1.55 0.10 43.32
N GLU A 64 -0.75 0.87 44.07
CA GLU A 64 -1.08 2.27 44.26
C GLU A 64 -0.73 3.09 43.02
N GLU A 65 0.27 2.67 42.25
CA GLU A 65 0.58 3.38 41.01
C GLU A 65 -0.45 3.06 39.93
N LEU A 66 -0.89 1.81 39.85
CA LEU A 66 -1.95 1.45 38.92
C LEU A 66 -3.29 2.06 39.36
N LYS A 67 -3.43 2.30 40.66
CA LYS A 67 -4.51 3.17 41.15
C LYS A 67 -4.35 4.59 40.61
N ASN A 68 -3.12 5.12 40.64
CA ASN A 68 -2.90 6.47 40.11
C ASN A 68 -3.02 6.52 38.60
N LEU A 69 -2.71 5.41 37.92
CA LEU A 69 -2.88 5.31 36.46
C LEU A 69 -4.29 4.80 36.19
N GLN A 70 -5.23 5.75 36.10
CA GLN A 70 -6.63 5.40 35.92
C GLN A 70 -6.85 4.84 34.51
N ALA A 71 -7.28 3.58 34.48
CA ALA A 71 -7.30 2.77 33.28
C ALA A 71 -8.04 1.48 33.59
N LEU A 72 -8.57 0.87 32.54
CA LEU A 72 -8.99 -0.53 32.60
C LEU A 72 -8.33 -1.24 31.43
N GLN A 73 -8.59 -2.55 31.35
CA GLN A 73 -8.08 -3.51 30.35
C GLN A 73 -6.57 -3.39 30.10
N VAL A 74 -5.79 -3.04 31.13
CA VAL A 74 -4.33 -3.13 31.19
C VAL A 74 -3.58 -2.27 30.16
N SER A 75 -3.98 -2.35 28.88
CA SER A 75 -3.22 -1.71 27.80
C SER A 75 -3.25 -0.20 27.87
N ASP A 76 -4.21 0.38 28.58
CA ASP A 76 -4.14 1.83 28.81
C ASP A 76 -3.13 2.17 29.89
N ALA A 77 -2.69 1.17 30.67
CA ALA A 77 -1.63 1.40 31.65
C ALA A 77 -0.28 0.94 31.10
N VAL A 78 -0.29 0.16 30.02
CA VAL A 78 0.96 -0.29 29.41
C VAL A 78 1.65 0.86 28.69
N LYS A 79 0.88 1.85 28.27
CA LYS A 79 1.37 2.97 27.48
C LYS A 79 2.35 3.87 28.24
N HIS A 80 2.47 3.70 29.55
CA HIS A 80 3.34 4.51 30.39
C HIS A 80 4.67 3.84 30.71
N PHE A 81 5.03 2.75 30.01
CA PHE A 81 6.24 2.00 30.31
C PHE A 81 7.46 2.50 29.53
N ALA A 82 7.46 3.75 29.06
CA ALA A 82 8.66 4.50 28.67
C ALA A 82 9.42 3.98 27.45
N GLY A 83 9.03 2.83 26.90
CA GLY A 83 9.60 2.40 25.65
C GLY A 83 8.56 1.77 24.75
N VAL A 84 7.37 1.57 25.32
CA VAL A 84 6.33 0.78 24.66
C VAL A 84 5.67 1.60 23.56
N THR A 85 5.66 1.04 22.36
CA THR A 85 4.80 1.54 21.28
C THR A 85 3.66 0.54 21.14
N VAL A 86 2.46 0.97 21.53
CA VAL A 86 1.28 0.13 21.48
C VAL A 86 0.68 0.28 20.08
N LYS A 87 0.30 -0.84 19.46
CA LYS A 87 -0.56 -0.80 18.29
C LYS A 87 -1.97 -1.10 18.77
N ASP A 88 -2.85 -0.13 18.57
CA ASP A 88 -4.19 -0.14 19.15
C ASP A 88 -5.20 -0.02 18.02
N TYR A 89 -6.46 -0.16 18.37
CA TYR A 89 -7.63 -0.16 17.49
C TYR A 89 -8.58 0.81 18.16
N GLY A 90 -9.88 0.61 18.02
CA GLY A 90 -10.85 1.42 18.74
C GLY A 90 -10.80 1.32 20.26
N GLY A 91 -11.89 1.66 20.92
CA GLY A 91 -11.79 1.94 22.35
C GLY A 91 -11.85 0.71 23.22
N ILE A 92 -12.88 0.60 24.04
CA ILE A 92 -12.98 -0.50 25.00
C ILE A 92 -13.19 -1.81 24.24
N GLY A 93 -12.41 -2.83 24.58
CA GLY A 93 -12.51 -4.12 23.93
C GLY A 93 -11.92 -4.21 22.54
N GLY A 94 -10.94 -3.38 22.20
CA GLY A 94 -10.27 -3.47 20.92
C GLY A 94 -8.97 -4.25 21.01
N LEU A 95 -8.41 -4.56 19.84
CA LEU A 95 -7.13 -5.25 19.80
C LEU A 95 -6.00 -4.27 20.10
N LYS A 96 -5.24 -4.56 21.15
CA LYS A 96 -4.33 -3.59 21.75
C LYS A 96 -2.93 -4.14 21.94
N THR A 97 -2.32 -4.68 20.88
CA THR A 97 -1.04 -5.36 21.01
C THR A 97 0.10 -4.38 21.30
N VAL A 98 1.22 -4.91 21.77
CA VAL A 98 2.29 -4.14 22.41
C VAL A 98 3.62 -4.44 21.72
N SER A 99 4.38 -3.37 21.40
CA SER A 99 5.76 -3.52 20.97
C SER A 99 6.66 -2.93 22.05
N ILE A 100 7.70 -3.68 22.41
CA ILE A 100 8.53 -3.41 23.58
C ILE A 100 9.36 -2.14 23.41
N ARG A 101 10.23 -2.11 22.40
CA ARG A 101 11.06 -0.94 22.13
C ARG A 101 11.03 -0.64 20.64
N SER A 102 9.81 -0.56 20.10
CA SER A 102 9.51 -0.49 18.66
C SER A 102 10.15 -1.65 17.90
N LEU A 103 10.14 -2.82 18.52
CA LEU A 103 10.42 -4.08 17.86
C LEU A 103 9.13 -4.58 17.22
N GLY A 104 9.12 -5.83 16.80
CA GLY A 104 7.87 -6.45 16.42
C GLY A 104 6.94 -6.59 17.62
N ALA A 105 5.64 -6.53 17.35
CA ALA A 105 4.68 -6.66 18.44
C ALA A 105 4.49 -8.12 18.84
N GLN A 106 5.05 -9.05 18.08
CA GLN A 106 5.04 -10.46 18.46
C GLN A 106 6.29 -10.86 19.22
N HIS A 107 7.24 -9.96 19.38
CA HIS A 107 8.44 -10.22 20.17
C HIS A 107 8.21 -10.07 21.67
N THR A 108 7.03 -9.64 22.08
CA THR A 108 6.72 -9.49 23.49
C THR A 108 6.09 -10.79 24.00
N ALA A 109 6.27 -11.05 25.29
CA ALA A 109 5.59 -12.15 25.94
C ALA A 109 4.94 -11.63 27.22
N VAL A 110 3.62 -11.73 27.29
CA VAL A 110 2.88 -11.28 28.45
C VAL A 110 2.59 -12.48 29.34
N SER A 111 2.86 -12.34 30.62
CA SER A 111 2.78 -13.45 31.56
C SER A 111 1.73 -13.18 32.62
N TYR A 112 0.75 -14.08 32.69
CA TYR A 112 -0.36 -13.95 33.63
C TYR A 112 -0.05 -14.83 34.83
N ASP A 113 0.49 -14.22 35.88
CA ASP A 113 0.76 -14.83 37.18
C ASP A 113 1.72 -16.01 37.04
N GLY A 114 2.92 -15.68 36.58
CA GLY A 114 4.04 -16.60 36.62
C GLY A 114 4.23 -17.49 35.39
N ILE A 115 3.28 -17.53 34.47
CA ILE A 115 3.43 -18.27 33.22
C ILE A 115 3.00 -17.37 32.06
N THR A 116 3.83 -17.31 31.02
CA THR A 116 3.49 -16.56 29.82
C THR A 116 2.33 -17.20 29.09
N VAL A 117 1.40 -16.38 28.64
CA VAL A 117 0.36 -16.84 27.75
C VAL A 117 0.86 -16.70 26.31
N SER A 118 0.43 -17.60 25.44
CA SER A 118 0.96 -17.69 24.08
C SER A 118 -0.20 -17.74 23.10
N ASP A 119 -0.50 -16.61 22.48
CA ASP A 119 -1.46 -16.57 21.39
C ASP A 119 -0.74 -17.04 20.12
N CYS A 120 -1.26 -18.08 19.48
CA CYS A 120 -0.64 -18.58 18.26
C CYS A 120 -1.31 -18.02 17.02
N GLN A 121 -2.63 -17.99 17.01
CA GLN A 121 -3.37 -17.32 15.94
C GLN A 121 -3.17 -15.82 16.06
N THR A 122 -2.55 -15.22 15.03
CA THR A 122 -2.05 -13.85 14.92
C THR A 122 -1.31 -13.41 16.20
N GLY A 123 -0.12 -13.97 16.41
CA GLY A 123 0.62 -13.94 17.68
C GLY A 123 0.84 -12.62 18.40
N GLN A 124 0.49 -11.50 17.78
CA GLN A 124 0.25 -10.27 18.51
C GLN A 124 -0.84 -10.50 19.54
N VAL A 125 -0.46 -10.44 20.81
CA VAL A 125 -1.34 -10.87 21.90
C VAL A 125 -2.29 -9.72 22.26
N ASP A 126 -3.56 -10.06 22.49
CA ASP A 126 -4.55 -9.10 22.94
C ASP A 126 -4.29 -8.76 24.40
N ILE A 127 -3.73 -7.57 24.65
CA ILE A 127 -3.45 -7.13 26.00
C ILE A 127 -4.72 -6.64 26.70
N GLY A 128 -5.67 -6.09 25.95
CA GLY A 128 -6.96 -5.67 26.49
C GLY A 128 -7.84 -6.80 26.98
N ARG A 129 -7.49 -8.05 26.69
CA ARG A 129 -8.15 -9.21 27.28
C ARG A 129 -8.01 -9.24 28.80
N PHE A 130 -6.83 -8.92 29.32
CA PHE A 130 -6.59 -8.88 30.76
C PHE A 130 -7.15 -7.59 31.32
N SER A 131 -7.88 -7.68 32.43
CA SER A 131 -8.46 -6.50 33.06
C SER A 131 -7.66 -6.12 34.30
N LEU A 132 -7.86 -4.89 34.76
CA LEU A 132 -7.06 -4.31 35.84
C LEU A 132 -7.72 -4.42 37.20
N ASN A 133 -8.80 -5.20 37.32
CA ASN A 133 -9.47 -5.31 38.62
C ASN A 133 -8.66 -6.14 39.60
N ASN A 134 -7.90 -7.12 39.11
CA ASN A 134 -7.17 -8.04 39.98
C ASN A 134 -5.66 -8.00 39.78
N VAL A 135 -5.11 -6.88 39.32
CA VAL A 135 -3.69 -6.77 39.04
C VAL A 135 -3.02 -6.11 40.24
N ASP A 136 -2.16 -6.87 40.92
CA ASP A 136 -1.41 -6.32 42.05
C ASP A 136 -0.19 -5.58 41.51
N ARG A 137 0.55 -6.22 40.61
CA ARG A 137 1.81 -5.67 40.13
C ARG A 137 1.90 -5.86 38.62
N LEU A 138 2.20 -4.77 37.92
CA LEU A 138 2.45 -4.80 36.49
C LEU A 138 3.91 -4.44 36.26
N SER A 139 4.58 -5.18 35.39
CA SER A 139 6.00 -4.90 35.20
C SER A 139 6.44 -5.25 33.79
N LEU A 140 7.31 -4.41 33.24
CA LEU A 140 7.91 -4.59 31.93
C LEU A 140 9.39 -4.84 32.10
N ASN A 141 9.87 -5.97 31.58
CA ASN A 141 11.28 -6.27 31.50
C ASN A 141 11.70 -6.25 30.03
N ASN A 142 12.73 -5.46 29.72
CA ASN A 142 13.23 -5.37 28.36
C ASN A 142 14.25 -6.46 28.04
N GLY A 143 14.58 -7.31 29.00
CA GLY A 143 15.67 -8.26 28.84
C GLY A 143 15.50 -9.56 29.60
N GLN A 144 16.55 -9.92 30.33
CA GLN A 144 16.65 -11.18 31.08
C GLN A 144 15.69 -11.24 32.27
N SER A 145 15.08 -10.11 32.65
CA SER A 145 14.16 -9.96 33.79
C SER A 145 14.86 -10.29 35.11
N ASP A 146 15.99 -9.61 35.35
CA ASP A 146 16.73 -9.62 36.61
C ASP A 146 17.16 -11.02 37.03
N ASN A 147 16.36 -11.65 37.88
CA ASN A 147 16.66 -12.98 38.37
C ASN A 147 16.45 -14.03 37.29
N ILE A 148 17.17 -15.13 37.42
CA ILE A 148 17.21 -16.21 36.45
C ILE A 148 16.29 -17.36 36.84
N PHE A 149 15.44 -17.11 37.82
CA PHE A 149 14.50 -18.14 38.29
C PHE A 149 13.14 -17.92 37.65
N GLN A 150 13.09 -18.22 36.36
CA GLN A 150 11.85 -18.15 35.58
C GLN A 150 11.70 -19.44 34.79
N PRO A 151 10.49 -19.77 34.37
CA PRO A 151 10.31 -20.80 33.34
C PRO A 151 10.95 -20.37 32.04
N ALA A 152 11.29 -21.36 31.20
CA ALA A 152 12.15 -21.11 30.05
C ALA A 152 11.44 -20.31 28.96
N ARG A 153 10.11 -20.25 28.98
CA ARG A 153 9.40 -19.47 27.96
C ARG A 153 9.50 -17.98 28.23
N PHE A 154 9.81 -17.59 29.48
CA PHE A 154 10.11 -16.19 29.77
C PHE A 154 11.36 -15.73 29.04
N PHE A 155 12.31 -16.63 28.84
CA PHE A 155 13.51 -16.29 28.10
C PHE A 155 13.22 -16.39 26.60
N ALA A 156 14.19 -15.97 25.80
CA ALA A 156 14.14 -15.94 24.33
C ALA A 156 12.99 -15.10 23.78
N SER A 157 12.47 -14.16 24.56
CA SER A 157 11.55 -13.14 24.08
C SER A 157 12.12 -11.78 24.43
N ALA A 158 12.08 -10.86 23.47
CA ALA A 158 12.82 -9.61 23.59
C ALA A 158 12.26 -8.67 24.64
N GLY A 159 11.06 -8.93 25.15
CA GLY A 159 10.54 -8.19 26.28
C GLY A 159 9.31 -8.87 26.82
N ILE A 160 9.22 -8.92 28.15
CA ILE A 160 8.10 -9.59 28.80
C ILE A 160 7.33 -8.56 29.62
N LEU A 161 6.01 -8.69 29.61
CA LEU A 161 5.12 -7.86 30.42
C LEU A 161 4.47 -8.76 31.45
N ASN A 162 4.84 -8.59 32.72
CA ASN A 162 4.41 -9.50 33.77
C ASN A 162 3.21 -8.90 34.50
N ILE A 163 2.04 -9.49 34.29
CA ILE A 163 0.85 -9.18 35.08
C ILE A 163 0.83 -10.12 36.28
N GLN A 164 0.82 -9.56 37.48
CA GLN A 164 0.76 -10.35 38.70
C GLN A 164 -0.62 -10.23 39.31
N THR A 165 -1.21 -11.36 39.66
CA THR A 165 -2.54 -11.40 40.25
C THR A 165 -2.45 -11.12 41.75
N LEU A 166 -3.48 -10.47 42.29
CA LEU A 166 -3.56 -10.12 43.71
C LEU A 166 -3.39 -11.34 44.61
N THR A 167 -2.31 -11.36 45.37
CA THR A 167 -2.10 -12.37 46.40
C THR A 167 -2.76 -11.91 47.70
N PRO A 168 -3.70 -12.69 48.24
CA PRO A 168 -4.41 -12.26 49.45
C PRO A 168 -3.50 -12.30 50.67
N HIS A 169 -3.73 -11.38 51.61
CA HIS A 169 -2.88 -11.28 52.79
C HIS A 169 -3.41 -12.13 53.94
N PHE A 170 -4.72 -12.06 54.20
CA PHE A 170 -5.38 -12.72 55.34
C PHE A 170 -4.76 -12.29 56.67
N LYS A 171 -5.03 -11.03 57.02
CA LYS A 171 -4.77 -10.51 58.35
C LYS A 171 -5.56 -11.30 59.40
N GLU A 172 -5.22 -11.05 60.68
CA GLU A 172 -5.61 -11.90 61.80
C GLU A 172 -7.12 -12.02 61.95
N ASP A 173 -7.56 -13.24 62.27
CA ASP A 173 -8.96 -13.73 62.20
C ASP A 173 -9.41 -13.57 60.73
N LYS A 174 -10.69 -13.22 60.49
CA LYS A 174 -11.28 -12.96 59.18
C LYS A 174 -11.02 -14.04 58.11
N PRO A 175 -11.69 -15.20 58.18
CA PRO A 175 -11.58 -16.17 57.12
C PRO A 175 -11.97 -15.69 55.73
N THR A 176 -12.88 -14.73 55.61
CA THR A 176 -13.52 -14.44 54.33
C THR A 176 -13.36 -12.97 53.98
N ASN A 177 -12.83 -12.70 52.79
CA ASN A 177 -12.74 -11.37 52.24
C ASN A 177 -13.68 -11.24 51.05
N ILE A 178 -14.54 -10.23 51.06
CA ILE A 178 -15.48 -9.96 49.98
C ILE A 178 -15.15 -8.59 49.41
N ALA A 179 -14.98 -8.50 48.10
CA ALA A 179 -14.66 -7.25 47.42
C ALA A 179 -15.49 -7.14 46.14
N ALA A 180 -16.09 -5.98 45.94
CA ALA A 180 -16.79 -5.63 44.71
C ALA A 180 -16.29 -4.28 44.23
N GLU A 181 -16.14 -4.12 42.93
CA GLU A 181 -15.57 -2.90 42.33
C GLU A 181 -16.41 -2.45 41.14
N PHE A 182 -17.71 -2.23 41.39
CA PHE A 182 -18.65 -1.89 40.34
C PHE A 182 -18.29 -0.58 39.65
N LYS A 183 -17.88 -0.68 38.40
CA LYS A 183 -17.47 0.45 37.57
C LYS A 183 -18.54 0.70 36.51
N THR A 184 -18.77 1.96 36.17
CA THR A 184 -19.84 2.29 35.25
C THR A 184 -19.54 3.60 34.56
N GLY A 185 -20.32 3.88 33.53
CA GLY A 185 -20.22 5.13 32.78
C GLY A 185 -19.58 4.92 31.42
N SER A 186 -19.29 6.06 30.77
CA SER A 186 -18.58 6.14 29.49
C SER A 186 -19.29 5.38 28.38
N TRP A 187 -20.50 5.85 28.08
CA TRP A 187 -21.39 5.33 27.02
C TRP A 187 -21.72 3.85 27.25
N GLY A 188 -22.44 3.62 28.35
CA GLY A 188 -23.02 2.31 28.60
C GLY A 188 -22.08 1.30 29.17
N LEU A 189 -20.90 1.71 29.63
CA LEU A 189 -19.96 0.76 30.21
C LEU A 189 -20.46 0.36 31.60
N VAL A 190 -20.53 -0.94 31.84
CA VAL A 190 -20.90 -1.50 33.14
C VAL A 190 -19.92 -2.62 33.45
N ASN A 191 -19.57 -2.77 34.73
CA ASN A 191 -18.53 -3.71 35.14
C ASN A 191 -18.76 -4.03 36.62
N PRO A 192 -19.57 -5.04 36.92
CA PRO A 192 -19.56 -5.57 38.29
C PRO A 192 -18.44 -6.58 38.46
N SER A 193 -17.98 -6.71 39.71
CA SER A 193 -16.88 -7.62 40.03
C SER A 193 -17.11 -8.25 41.39
N LEU A 194 -16.61 -9.47 41.55
CA LEU A 194 -16.65 -10.20 42.81
C LEU A 194 -15.26 -10.78 43.08
N PHE A 195 -14.81 -10.71 44.33
CA PHE A 195 -13.50 -11.19 44.72
C PHE A 195 -13.53 -12.04 45.99
N LEU A 196 -14.36 -13.10 45.98
CA LEU A 196 -14.54 -13.93 47.17
C LEU A 196 -13.25 -14.65 47.55
N GLU A 197 -12.65 -14.27 48.67
CA GLU A 197 -11.44 -14.89 49.17
C GLU A 197 -11.77 -15.67 50.44
N GLN A 198 -11.12 -16.81 50.62
CA GLN A 198 -11.44 -17.74 51.71
C GLN A 198 -10.21 -18.53 52.10
N GLN A 199 -9.86 -18.51 53.38
CA GLN A 199 -8.81 -19.37 53.88
C GLN A 199 -9.40 -20.71 54.32
N LEU A 200 -8.68 -21.79 54.03
CA LEU A 200 -9.22 -23.13 54.20
C LEU A 200 -8.58 -23.90 55.35
N ASN A 201 -7.26 -24.09 55.32
CA ASN A 201 -6.59 -24.93 56.31
C ASN A 201 -5.30 -24.31 56.80
N LYS A 202 -5.25 -22.96 56.88
CA LYS A 202 -4.19 -22.10 57.42
C LYS A 202 -2.97 -22.06 56.49
N LYS A 203 -2.95 -22.92 55.48
CA LYS A 203 -1.96 -22.89 54.41
C LYS A 203 -2.58 -22.86 53.03
N TRP A 204 -3.87 -23.20 52.92
CA TRP A 204 -4.60 -23.13 51.67
C TRP A 204 -5.47 -21.89 51.65
N SER A 205 -5.45 -21.15 50.55
CA SER A 205 -6.34 -20.03 50.35
C SER A 205 -6.92 -20.09 48.94
N MET A 206 -8.13 -19.55 48.81
CA MET A 206 -8.89 -19.64 47.57
C MET A 206 -9.44 -18.27 47.22
N THR A 207 -9.26 -17.87 45.97
CA THR A 207 -9.74 -16.60 45.47
C THR A 207 -10.57 -16.81 44.22
N ALA A 208 -11.85 -16.43 44.31
CA ALA A 208 -12.78 -16.54 43.19
C ALA A 208 -13.12 -15.14 42.72
N ASN A 209 -12.71 -14.82 41.50
CA ASN A 209 -12.92 -13.53 40.88
C ASN A 209 -13.94 -13.69 39.76
N GLY A 210 -14.88 -12.76 39.70
CA GLY A 210 -15.86 -12.73 38.63
C GLY A 210 -16.00 -11.32 38.09
N GLU A 211 -16.11 -11.18 36.78
CA GLU A 211 -16.18 -9.86 36.16
C GLU A 211 -17.04 -9.92 34.91
N TRP A 212 -18.24 -9.34 34.99
CA TRP A 212 -19.07 -9.10 33.82
C TRP A 212 -18.77 -7.71 33.32
N MET A 213 -18.63 -7.56 32.00
CA MET A 213 -18.18 -6.30 31.41
C MET A 213 -18.96 -6.04 30.13
N SER A 214 -20.28 -5.93 30.25
CA SER A 214 -21.07 -5.45 29.13
C SER A 214 -20.73 -4.00 28.83
N SER A 215 -20.81 -3.64 27.55
CA SER A 215 -20.46 -2.28 27.13
C SER A 215 -21.22 -1.94 25.86
N ASP A 216 -21.29 -0.65 25.56
CA ASP A 216 -21.85 -0.14 24.32
C ASP A 216 -20.78 0.53 23.47
N GLY A 217 -20.09 1.52 24.02
CA GLY A 217 -18.91 2.11 23.41
C GLY A 217 -19.11 2.85 22.11
N HIS A 218 -20.14 3.68 22.01
CA HIS A 218 -20.34 4.49 20.82
C HIS A 218 -19.64 5.83 21.02
N TYR A 219 -18.51 6.02 20.35
CA TYR A 219 -17.72 7.20 20.68
C TYR A 219 -18.09 8.34 19.74
N PRO A 220 -18.19 9.56 20.24
CA PRO A 220 -18.42 10.72 19.37
C PRO A 220 -17.12 11.26 18.77
N PHE A 221 -16.45 10.40 18.00
CA PHE A 221 -15.20 10.77 17.36
C PHE A 221 -15.45 11.79 16.26
N THR A 222 -14.38 12.47 15.87
CA THR A 222 -14.45 13.50 14.84
C THR A 222 -13.69 13.00 13.63
N LEU A 223 -14.40 12.81 12.52
CA LEU A 223 -13.83 12.23 11.32
C LEU A 223 -13.44 13.31 10.33
N ARG A 224 -12.20 13.24 9.85
CA ARG A 224 -11.67 14.18 8.87
C ARG A 224 -11.54 13.46 7.53
N TYR A 225 -12.08 14.06 6.48
CA TYR A 225 -12.07 13.46 5.15
C TYR A 225 -10.79 13.77 4.39
N GLY A 226 -9.65 13.45 4.97
CA GLY A 226 -8.38 13.82 4.38
C GLY A 226 -7.32 13.99 5.44
N ASN A 227 -6.21 14.61 5.02
CA ASN A 227 -5.07 14.78 5.90
C ASN A 227 -4.59 16.22 6.05
N ASP A 228 -4.96 17.11 5.12
CA ASP A 228 -4.48 18.48 5.21
C ASP A 228 -5.39 19.29 6.13
N ALA A 229 -5.21 20.61 6.14
CA ALA A 229 -5.92 21.47 7.07
C ALA A 229 -7.26 21.95 6.55
N ASP A 230 -7.38 22.23 5.26
CA ASP A 230 -8.61 22.76 4.68
C ASP A 230 -9.50 21.62 4.21
N VAL A 231 -10.00 20.86 5.18
CA VAL A 231 -10.81 19.68 4.93
C VAL A 231 -12.13 19.83 5.69
N GLN A 232 -13.24 19.53 5.02
CA GLN A 232 -14.52 19.46 5.72
C GLN A 232 -14.52 18.27 6.68
N VAL A 233 -15.21 18.45 7.80
CA VAL A 233 -15.07 17.56 8.95
C VAL A 233 -16.47 17.13 9.37
N SER A 234 -16.57 15.99 10.05
CA SER A 234 -17.87 15.48 10.47
C SER A 234 -17.79 14.96 11.90
N LYS A 235 -18.93 15.00 12.59
CA LYS A 235 -19.08 14.44 13.92
C LYS A 235 -19.88 13.15 13.79
N GLU A 236 -19.17 12.02 13.74
CA GLU A 236 -19.76 10.72 13.49
C GLU A 236 -19.63 9.86 14.76
N LYS A 237 -20.60 8.98 14.95
CA LYS A 237 -20.60 8.07 16.08
C LYS A 237 -20.03 6.71 15.66
N ARG A 238 -19.18 6.16 16.51
CA ARG A 238 -18.63 4.82 16.28
C ARG A 238 -19.72 3.77 16.37
N ARG A 239 -19.64 2.76 15.52
CA ARG A 239 -20.65 1.71 15.46
C ARG A 239 -20.02 0.34 15.64
N ASN A 240 -20.82 -0.56 16.21
CA ASN A 240 -20.47 -1.97 16.46
C ASN A 240 -19.22 -2.11 17.31
N THR A 241 -19.31 -1.62 18.55
CA THR A 241 -18.31 -1.86 19.56
C THR A 241 -18.91 -2.49 20.82
N ASP A 242 -19.96 -3.29 20.66
CA ASP A 242 -20.62 -3.92 21.79
C ASP A 242 -19.76 -5.01 22.40
N VAL A 243 -19.13 -4.72 23.54
CA VAL A 243 -18.26 -5.66 24.22
C VAL A 243 -19.02 -6.25 25.40
N GLU A 244 -18.95 -7.56 25.56
CA GLU A 244 -19.72 -8.30 26.57
C GLU A 244 -18.81 -9.28 27.30
N ASN A 245 -17.70 -8.76 27.83
CA ASN A 245 -16.66 -9.62 28.41
C ASN A 245 -17.17 -10.32 29.68
N LEU A 246 -16.59 -11.48 29.96
CA LEU A 246 -16.87 -12.20 31.20
C LEU A 246 -15.64 -12.98 31.60
N ARG A 247 -15.15 -12.72 32.81
CA ARG A 247 -13.93 -13.32 33.32
C ARG A 247 -14.23 -14.01 34.64
N ALA A 248 -13.81 -15.26 34.76
CA ALA A 248 -13.96 -16.03 35.99
C ALA A 248 -12.60 -16.59 36.35
N GLU A 249 -12.30 -16.63 37.64
CA GLU A 249 -10.98 -17.06 38.09
C GLU A 249 -11.11 -17.74 39.44
N ILE A 250 -10.51 -18.91 39.57
CA ILE A 250 -10.45 -19.64 40.83
C ILE A 250 -9.00 -19.99 41.08
N SER A 251 -8.36 -19.30 42.01
CA SER A 251 -6.94 -19.49 42.25
C SER A 251 -6.73 -20.01 43.67
N ALA A 252 -5.93 -21.06 43.80
CA ALA A 252 -5.64 -21.67 45.08
C ALA A 252 -4.16 -21.52 45.40
N PHE A 253 -3.86 -20.84 46.50
CA PHE A 253 -2.50 -20.64 46.96
C PHE A 253 -2.24 -21.59 48.11
N ALA A 254 -1.22 -22.43 47.97
CA ALA A 254 -0.89 -23.45 48.96
C ALA A 254 0.50 -23.17 49.51
N ASN A 255 0.56 -22.51 50.66
CA ASN A 255 1.82 -22.19 51.32
C ASN A 255 2.22 -23.39 52.17
N LEU A 256 2.71 -24.43 51.50
CA LEU A 256 3.10 -25.65 52.18
C LEU A 256 4.40 -25.45 52.96
N SER A 257 4.54 -26.24 54.03
CA SER A 257 5.71 -26.27 54.92
C SER A 257 6.11 -24.90 55.48
N LYS A 259 10.91 -23.21 51.95
CA LYS A 259 9.61 -22.66 51.57
C LYS A 259 9.03 -23.45 50.40
N GLU A 260 7.70 -23.55 50.36
CA GLU A 260 7.00 -24.32 49.34
C GLU A 260 5.74 -23.59 48.94
N GLN A 261 5.49 -23.48 47.64
CA GLN A 261 4.27 -22.91 47.09
C GLN A 261 3.74 -23.85 46.02
N TRP A 262 2.42 -24.03 45.97
CA TRP A 262 1.78 -24.84 44.93
C TRP A 262 0.59 -24.07 44.38
N ARG A 263 0.87 -22.85 43.93
CA ARG A 263 -0.15 -21.95 43.38
C ARG A 263 -0.81 -22.54 42.14
N LEU A 264 -2.13 -22.47 42.10
CA LEU A 264 -2.96 -22.96 41.01
C LEU A 264 -3.95 -21.87 40.61
N LYS A 265 -4.39 -21.93 39.36
CA LYS A 265 -5.32 -20.95 38.80
C LYS A 265 -6.21 -21.64 37.79
N ALA A 266 -7.49 -21.28 37.78
CA ALA A 266 -8.43 -21.74 36.77
C ALA A 266 -9.14 -20.52 36.20
N TYR A 267 -8.90 -20.22 34.94
CA TYR A 267 -9.29 -18.97 34.32
C TYR A 267 -10.25 -19.28 33.18
N TYR A 268 -11.35 -18.55 33.12
CA TYR A 268 -12.32 -18.64 32.04
C TYR A 268 -12.61 -17.23 31.55
N TYR A 269 -12.84 -17.09 30.26
CA TYR A 269 -13.03 -15.79 29.64
C TYR A 269 -13.90 -15.94 28.39
N GLN A 270 -15.16 -15.59 28.51
CA GLN A 270 -16.03 -15.61 27.34
C GLN A 270 -16.39 -14.19 26.94
N SER A 271 -16.34 -13.92 25.64
CA SER A 271 -16.57 -12.56 25.16
C SER A 271 -17.47 -12.61 23.93
N SER A 272 -18.13 -11.50 23.66
CA SER A 272 -18.91 -11.35 22.44
C SER A 272 -18.68 -9.98 21.85
N ARG A 273 -17.42 -9.57 21.74
CA ARG A 273 -17.09 -8.21 21.32
C ARG A 273 -17.44 -7.99 19.87
N GLY A 274 -18.01 -6.84 19.57
CA GLY A 274 -18.11 -6.41 18.18
C GLY A 274 -16.77 -5.91 17.69
N LEU A 275 -16.46 -6.24 16.44
CA LEU A 275 -15.21 -5.81 15.85
C LEU A 275 -15.52 -4.67 14.89
N PRO A 276 -15.20 -3.42 15.24
CA PRO A 276 -15.52 -2.30 14.35
C PRO A 276 -14.58 -2.23 13.16
N ASN A 277 -15.11 -1.82 12.02
CA ASN A 277 -14.28 -1.59 10.86
C ASN A 277 -13.53 -0.27 11.00
N ALA A 278 -12.55 -0.08 10.13
CA ALA A 278 -11.88 1.22 10.03
C ALA A 278 -12.86 2.26 9.49
N THR A 279 -12.69 3.51 9.92
CA THR A 279 -13.61 4.56 9.49
C THR A 279 -13.29 4.94 8.04
N THR A 280 -13.84 4.14 7.13
CA THR A 280 -13.84 4.51 5.73
C THR A 280 -14.76 5.71 5.52
N LEU A 281 -14.39 6.57 4.58
CA LEU A 281 -15.20 7.73 4.27
C LEU A 281 -16.52 7.32 3.64
N TYR A 282 -17.58 8.04 4.00
CA TYR A 282 -18.95 7.96 3.47
C TYR A 282 -19.63 6.62 3.73
N TYR A 283 -19.04 5.77 4.57
CA TYR A 283 -19.55 4.42 4.80
C TYR A 283 -19.03 3.94 6.15
N ASP A 284 -19.93 3.87 7.13
CA ASP A 284 -19.63 3.25 8.43
C ASP A 284 -20.85 2.43 8.81
N PHE A 285 -20.85 1.17 8.41
CA PHE A 285 -21.86 0.21 8.86
C PHE A 285 -21.17 -1.14 8.92
N SER A 286 -20.83 -1.58 10.11
CA SER A 286 -20.15 -2.85 10.31
C SER A 286 -20.96 -3.74 11.23
N ARG A 287 -20.94 -5.04 10.95
CA ARG A 287 -21.62 -6.03 11.79
C ARG A 287 -20.70 -7.19 12.15
N GLN A 288 -19.39 -6.96 12.16
CA GLN A 288 -18.45 -8.02 12.50
C GLN A 288 -18.50 -8.32 13.99
N ASN A 289 -18.70 -9.59 14.32
CA ASN A 289 -18.70 -10.07 15.69
C ASN A 289 -17.51 -10.99 15.90
N LEU A 290 -16.93 -10.91 17.09
CA LEU A 290 -15.81 -11.76 17.47
C LEU A 290 -16.10 -12.35 18.84
N ARG A 291 -16.24 -13.66 18.91
CA ARG A 291 -16.45 -14.36 20.16
C ARG A 291 -15.17 -15.07 20.56
N ASP A 292 -14.70 -14.79 21.77
CA ASP A 292 -13.55 -15.48 22.35
C ASP A 292 -14.02 -16.29 23.54
N LYS A 293 -13.45 -17.49 23.71
CA LYS A 293 -13.76 -18.36 24.83
C LYS A 293 -12.49 -18.92 25.44
N ASN A 294 -11.54 -18.03 25.76
CA ASN A 294 -10.27 -18.44 26.32
C ASN A 294 -10.46 -18.99 27.73
N THR A 295 -9.73 -20.06 28.04
CA THR A 295 -9.71 -20.66 29.37
C THR A 295 -8.38 -21.36 29.55
N PHE A 296 -7.92 -21.47 30.80
CA PHE A 296 -6.72 -22.24 31.11
C PHE A 296 -6.71 -22.66 32.58
N ILE A 297 -6.14 -23.84 32.82
CA ILE A 297 -5.83 -24.32 34.17
C ILE A 297 -4.32 -24.35 34.32
N GLN A 298 -3.82 -23.67 35.35
CA GLN A 298 -2.42 -23.37 35.55
C GLN A 298 -1.99 -23.88 36.93
N SER A 299 -0.80 -24.46 36.99
CA SER A 299 -0.22 -24.95 38.24
C SER A 299 1.21 -24.45 38.34
N GLN A 300 1.61 -24.07 39.56
CA GLN A 300 2.93 -23.49 39.80
C GLN A 300 3.46 -24.01 41.12
N TYR A 301 4.31 -25.03 41.06
CA TYR A 301 4.90 -25.65 42.24
C TYR A 301 6.30 -25.06 42.42
N LYS A 302 6.61 -24.67 43.65
CA LYS A 302 7.96 -24.23 44.02
C LYS A 302 8.38 -24.99 45.27
N LYS A 303 9.64 -25.40 45.33
CA LYS A 303 10.17 -26.08 46.49
C LYS A 303 11.58 -25.58 46.74
N GLU A 304 11.92 -25.39 48.01
CA GLU A 304 13.25 -24.94 48.41
C GLU A 304 13.91 -26.12 49.10
N PHE A 305 14.63 -26.93 48.32
CA PHE A 305 15.27 -28.14 48.84
C PHE A 305 16.55 -27.81 49.61
N SER A 306 16.39 -27.14 50.77
CA SER A 306 17.47 -26.68 51.65
C SER A 306 18.49 -25.83 50.91
N ARG A 307 19.73 -25.84 51.41
CA ARG A 307 20.78 -25.02 50.86
C ARG A 307 21.20 -25.53 49.48
N LYS A 308 21.45 -24.59 48.56
CA LYS A 308 21.98 -24.79 47.21
C LYS A 308 21.02 -25.53 46.27
N TRP A 309 19.73 -25.58 46.55
CA TRP A 309 18.77 -26.21 45.64
C TRP A 309 17.43 -25.53 45.74
N VAL A 310 16.93 -25.01 44.61
CA VAL A 310 15.56 -24.53 44.50
C VAL A 310 14.97 -25.15 43.23
N PHE A 311 13.76 -25.67 43.31
CA PHE A 311 13.17 -26.42 42.20
C PHE A 311 11.78 -25.85 41.92
N GLN A 312 11.36 -25.90 40.66
CA GLN A 312 10.11 -25.30 40.22
C GLN A 312 9.49 -26.12 39.10
N THR A 313 8.18 -26.32 39.18
CA THR A 313 7.41 -26.94 38.11
C THR A 313 6.29 -26.00 37.69
N SER A 314 6.11 -25.83 36.39
CA SER A 314 5.01 -25.05 35.86
C SER A 314 4.19 -25.94 34.94
N ALA A 315 2.88 -25.80 34.98
CA ALA A 315 1.99 -26.55 34.12
C ALA A 315 0.85 -25.67 33.68
N LYS A 316 0.34 -25.90 32.48
CA LYS A 316 -0.72 -25.07 31.92
C LYS A 316 -1.45 -25.82 30.82
N TRP A 317 -2.77 -25.85 30.90
CA TRP A 317 -3.60 -26.33 29.81
C TRP A 317 -4.51 -25.19 29.38
N ASN A 318 -4.33 -24.71 28.16
CA ASN A 318 -5.03 -23.53 27.67
C ASN A 318 -5.86 -23.92 26.45
N TRP A 319 -7.16 -23.65 26.50
CA TRP A 319 -8.06 -23.89 25.39
C TRP A 319 -8.67 -22.55 24.98
N SER A 320 -8.55 -22.23 23.70
CA SER A 320 -9.01 -20.95 23.18
C SER A 320 -9.95 -21.19 22.00
N TYR A 321 -10.96 -20.34 21.89
CA TYR A 321 -11.94 -20.43 20.81
C TYR A 321 -12.10 -19.02 20.26
N GLN A 322 -12.18 -18.91 18.94
CA GLN A 322 -12.32 -17.62 18.29
C GLN A 322 -13.26 -17.75 17.10
N ASN A 323 -14.46 -17.17 17.22
CA ASN A 323 -15.48 -17.23 16.18
C ASN A 323 -15.62 -15.83 15.60
N TYR A 324 -15.24 -15.68 14.34
CA TYR A 324 -15.29 -14.40 13.65
C TYR A 324 -16.42 -14.44 12.63
N GLN A 325 -17.47 -13.66 12.88
CA GLN A 325 -18.62 -13.59 11.99
C GLN A 325 -18.66 -12.24 11.30
N ASP A 326 -18.83 -12.27 9.98
CA ASP A 326 -19.02 -11.05 9.18
C ASP A 326 -20.22 -11.29 8.28
N PRO A 327 -21.45 -11.06 8.78
CA PRO A 327 -22.63 -11.32 7.95
C PRO A 327 -22.81 -10.34 6.80
N ASP A 328 -22.12 -9.20 6.81
CA ASP A 328 -22.14 -8.28 5.69
C ASP A 328 -21.13 -8.65 4.60
N ALA A 329 -20.31 -9.67 4.82
CA ALA A 329 -19.36 -10.09 3.81
C ALA A 329 -20.07 -10.76 2.64
N LEU A 330 -19.50 -10.62 1.45
CA LEU A 330 -20.16 -10.99 0.21
C LEU A 330 -19.84 -12.41 -0.25
N THR A 331 -19.48 -13.29 0.68
CA THR A 331 -19.39 -14.71 0.40
C THR A 331 -20.79 -15.25 0.13
N SER A 332 -20.90 -16.13 -0.88
CA SER A 332 -22.21 -16.54 -1.41
C SER A 332 -23.02 -17.40 -0.44
N VAL A 333 -22.43 -17.88 0.66
CA VAL A 333 -23.18 -18.66 1.64
C VAL A 333 -23.77 -17.73 2.67
N GLY A 334 -23.49 -16.43 2.55
CA GLY A 334 -24.09 -15.43 3.42
C GLY A 334 -23.26 -15.07 4.63
N GLY A 335 -21.96 -14.83 4.42
CA GLY A 335 -21.11 -14.36 5.49
C GLY A 335 -20.10 -15.34 5.99
N THR A 336 -18.91 -14.86 6.36
CA THR A 336 -17.88 -15.72 6.88
C THR A 336 -18.19 -16.11 8.32
N ASP A 337 -17.89 -17.35 8.68
CA ASP A 337 -18.12 -17.90 10.01
C ASP A 337 -16.89 -18.69 10.45
N ASN A 338 -15.72 -18.07 10.35
CA ASN A 338 -14.46 -18.73 10.68
C ASN A 338 -14.36 -18.99 12.17
N SER A 339 -14.10 -20.24 12.54
CA SER A 339 -13.93 -20.64 13.93
C SER A 339 -12.54 -21.26 14.10
N TYR A 340 -11.83 -20.83 15.13
CA TYR A 340 -10.48 -21.30 15.41
C TYR A 340 -10.42 -21.85 16.82
N TYR A 341 -9.86 -23.05 16.95
CA TYR A 341 -9.70 -23.73 18.22
C TYR A 341 -8.21 -23.89 18.49
N GLN A 342 -7.77 -23.51 19.69
CA GLN A 342 -6.37 -23.57 20.08
C GLN A 342 -6.25 -24.35 21.37
N GLN A 343 -5.17 -25.12 21.48
CA GLN A 343 -4.86 -25.80 22.73
C GLN A 343 -3.36 -25.74 22.98
N GLU A 344 -3.00 -25.51 24.23
CA GLU A 344 -1.61 -25.42 24.64
C GLU A 344 -1.41 -26.25 25.89
N TYR A 345 -0.57 -27.28 25.78
CA TYR A 345 -0.09 -28.05 26.91
C TYR A 345 1.33 -27.58 27.21
N TYR A 346 1.51 -26.99 28.39
CA TYR A 346 2.76 -26.33 28.74
C TYR A 346 3.29 -26.94 30.02
N LEU A 347 4.56 -27.31 30.02
CA LEU A 347 5.21 -27.92 31.18
C LEU A 347 6.60 -27.31 31.34
N SER A 348 7.05 -27.20 32.58
CA SER A 348 8.36 -26.63 32.88
C SER A 348 8.89 -27.24 34.17
N ALA A 349 10.19 -27.51 34.20
CA ALA A 349 10.84 -28.14 35.34
C ALA A 349 12.13 -27.41 35.68
N SER A 350 12.03 -26.08 35.81
CA SER A 350 13.20 -25.24 36.03
C SER A 350 13.81 -25.45 37.41
N ALA A 351 15.14 -25.48 37.47
CA ALA A 351 15.87 -25.66 38.71
C ALA A 351 16.95 -24.60 38.83
N LEU A 352 17.31 -24.26 40.07
CA LEU A 352 18.32 -23.26 40.38
C LEU A 352 19.27 -23.83 41.42
N TYR A 353 20.56 -23.74 41.15
CA TYR A 353 21.58 -24.30 42.03
C TYR A 353 22.56 -23.17 42.32
N ARG A 354 22.80 -22.89 43.59
CA ARG A 354 23.71 -21.82 43.99
C ARG A 354 25.05 -22.42 44.35
N ILE A 355 26.10 -21.97 43.65
CA ILE A 355 27.47 -22.36 44.00
C ILE A 355 27.84 -21.78 45.36
N TRP A 356 27.58 -20.49 45.56
CA TRP A 356 27.89 -19.79 46.79
C TRP A 356 26.67 -19.01 47.24
N ASN A 357 26.88 -18.13 48.21
CA ASN A 357 25.78 -17.28 48.68
C ASN A 357 25.45 -16.16 47.70
N ASN A 358 26.36 -15.86 46.77
CA ASN A 358 26.20 -14.73 45.87
C ASN A 358 26.10 -15.12 44.40
N LEU A 359 26.44 -16.37 44.05
CA LEU A 359 26.51 -16.78 42.65
C LEU A 359 25.57 -17.96 42.45
N SER A 360 24.91 -18.00 41.29
CA SER A 360 23.86 -18.98 41.03
C SER A 360 23.87 -19.40 39.57
N PHE A 361 23.34 -20.60 39.32
CA PHE A 361 23.07 -21.08 37.97
C PHE A 361 21.64 -21.59 37.90
N SER A 362 21.07 -21.57 36.71
CA SER A 362 19.71 -22.06 36.49
C SER A 362 19.68 -22.95 35.26
N LEU A 363 19.02 -24.09 35.39
CA LEU A 363 18.74 -24.97 34.27
C LEU A 363 17.24 -25.10 34.14
N SER A 364 16.68 -24.48 33.11
CA SER A 364 15.24 -24.42 32.93
C SER A 364 14.83 -25.19 31.69
N THR A 365 14.14 -26.30 31.87
CA THR A 365 13.66 -27.08 30.75
C THR A 365 12.15 -26.87 30.61
N ASP A 366 11.69 -26.79 29.37
CA ASP A 366 10.32 -26.45 29.06
C ASP A 366 9.71 -27.58 28.22
N GLY A 367 8.47 -27.38 27.80
CA GLY A 367 7.81 -28.28 26.89
C GLY A 367 6.45 -27.74 26.52
N SER A 368 6.05 -27.83 25.25
CA SER A 368 4.81 -27.24 24.80
C SER A 368 4.26 -28.01 23.62
N ILE A 369 2.98 -28.33 23.68
CA ILE A 369 2.23 -28.89 22.56
C ILE A 369 1.12 -27.90 22.23
N ASN A 370 1.23 -27.26 21.07
CA ASN A 370 0.30 -26.23 20.66
C ASN A 370 -0.45 -26.71 19.43
N THR A 371 -1.70 -27.13 19.62
CA THR A 371 -2.52 -27.66 18.54
C THR A 371 -3.53 -26.61 18.11
N MET A 372 -3.89 -26.65 16.82
CA MET A 372 -4.82 -25.70 16.25
C MET A 372 -5.75 -26.42 15.29
N ASN A 373 -7.03 -26.09 15.36
CA ASN A 373 -8.03 -26.55 14.42
C ASN A 373 -8.79 -25.34 13.89
N ALA A 374 -9.36 -25.49 12.70
CA ALA A 374 -10.02 -24.36 12.04
C ALA A 374 -11.25 -24.86 11.31
N ASN A 375 -12.02 -23.90 10.78
CA ASN A 375 -13.22 -24.11 9.95
C ASN A 375 -14.28 -24.98 10.64
N VAL A 380 -3.16 -27.41 6.83
CA VAL A 380 -4.40 -27.29 7.59
C VAL A 380 -4.28 -28.13 8.87
N SER A 381 -4.89 -27.63 9.95
CA SER A 381 -4.87 -28.17 11.31
C SER A 381 -3.45 -28.40 11.82
N PRO A 382 -2.70 -27.35 12.12
CA PRO A 382 -1.29 -27.55 12.50
C PRO A 382 -1.13 -28.01 13.94
N THR A 383 0.08 -28.45 14.26
CA THR A 383 0.46 -28.86 15.61
C THR A 383 1.94 -28.58 15.79
N ARG A 384 2.29 -27.78 16.80
CA ARG A 384 3.67 -27.41 17.05
C ARG A 384 4.12 -28.01 18.37
N TYR A 385 5.18 -28.82 18.31
CA TYR A 385 5.84 -29.33 19.50
C TYR A 385 7.08 -28.50 19.74
N SER A 386 7.20 -27.93 20.93
CA SER A 386 8.29 -27.01 21.23
C SER A 386 8.97 -27.44 22.53
N TRP A 387 10.28 -27.27 22.58
CA TRP A 387 11.12 -27.69 23.70
C TRP A 387 12.19 -26.64 23.92
N LEU A 388 12.07 -25.89 25.01
CA LEU A 388 13.05 -24.87 25.35
C LEU A 388 13.85 -25.37 26.54
N THR A 389 15.16 -25.18 26.51
CA THR A 389 15.96 -25.34 27.72
C THR A 389 17.01 -24.24 27.76
N ALA A 390 17.15 -23.62 28.92
CA ALA A 390 17.96 -22.43 29.10
C ALA A 390 18.92 -22.65 30.26
N PHE A 391 20.21 -22.46 30.00
CA PHE A 391 21.21 -22.50 31.04
C PHE A 391 21.64 -21.07 31.31
N ALA A 392 21.31 -20.57 32.49
CA ALA A 392 21.74 -19.25 32.90
C ALA A 392 23.18 -19.31 33.38
N GLY A 393 24.01 -18.40 32.89
CA GLY A 393 25.43 -18.45 33.13
C GLY A 393 25.86 -17.86 34.46
N LYS A 394 27.02 -17.21 34.48
CA LYS A 394 27.59 -16.71 35.72
C LYS A 394 26.80 -15.51 36.20
N TYR A 395 25.74 -15.77 36.95
CA TYR A 395 24.97 -14.74 37.64
C TYR A 395 25.64 -14.48 38.98
N VAL A 396 26.18 -13.28 39.14
CA VAL A 396 26.78 -12.85 40.40
C VAL A 396 25.91 -11.73 40.95
N ASN A 397 25.65 -11.74 42.25
CA ASN A 397 24.97 -10.65 42.92
C ASN A 397 25.96 -10.12 43.96
N GLU A 398 26.83 -9.22 43.53
CA GLU A 398 27.93 -8.73 44.35
C GLU A 398 27.67 -7.26 44.70
N TRP A 399 28.29 -6.82 45.79
CA TRP A 399 27.89 -5.61 46.51
C TRP A 399 28.22 -4.32 45.77
N VAL A 400 29.49 -4.03 45.54
CA VAL A 400 29.88 -2.81 44.83
C VAL A 400 30.71 -3.14 43.60
N THR A 401 30.64 -4.38 43.15
CA THR A 401 31.40 -4.84 41.99
C THR A 401 30.34 -5.33 41.00
N LEU A 402 30.78 -6.07 39.97
CA LEU A 402 29.96 -6.62 38.89
C LEU A 402 28.74 -7.40 39.38
N SER A 403 27.59 -7.17 38.75
CA SER A 403 26.40 -7.98 38.92
C SER A 403 26.08 -8.70 37.62
N ALA A 404 27.12 -9.24 36.99
CA ALA A 404 27.01 -9.79 35.64
C ALA A 404 26.19 -11.08 35.64
N SER A 405 25.68 -11.42 34.46
CA SER A 405 24.80 -12.56 34.29
C SER A 405 24.80 -12.96 32.83
N ALA A 406 24.70 -14.26 32.58
CA ALA A 406 24.66 -14.79 31.22
C ALA A 406 23.51 -15.79 31.14
N LEU A 407 23.11 -16.07 29.90
CA LEU A 407 21.98 -16.98 29.67
C LEU A 407 22.07 -17.45 28.23
N ALA A 408 22.16 -18.76 28.04
CA ALA A 408 22.04 -19.34 26.71
C ALA A 408 20.81 -20.23 26.67
N THR A 409 19.85 -19.90 25.81
CA THR A 409 18.64 -20.70 25.67
C THR A 409 18.60 -21.33 24.29
N VAL A 410 18.26 -22.61 24.23
CA VAL A 410 18.08 -23.30 22.97
C VAL A 410 16.66 -23.82 22.90
N ILE A 411 16.16 -23.98 21.69
CA ILE A 411 14.76 -24.24 21.42
C ILE A 411 14.71 -25.31 20.33
N ASN A 412 13.64 -26.11 20.34
CA ASN A 412 13.50 -27.18 19.34
C ASN A 412 12.01 -27.30 19.01
N GLU A 413 11.67 -27.08 17.75
CA GLU A 413 10.28 -27.17 17.33
C GLU A 413 10.13 -28.20 16.22
N LYS A 414 9.21 -29.13 16.42
CA LYS A 414 8.78 -30.07 15.41
C LYS A 414 7.33 -29.72 15.08
N ALA A 415 7.11 -29.20 13.89
CA ALA A 415 5.77 -28.76 13.48
C ALA A 415 5.21 -29.65 12.38
N ASN A 420 6.18 -30.28 8.62
CA ASN A 420 5.62 -29.46 7.55
C ASN A 420 5.94 -27.97 7.66
N ALA A 421 6.91 -27.64 8.49
CA ALA A 421 7.35 -26.27 8.69
C ALA A 421 8.83 -26.28 9.07
N GLY A 422 9.31 -25.17 9.62
CA GLY A 422 10.67 -25.12 10.09
C GLY A 422 10.89 -25.98 11.32
N ASN A 423 12.13 -26.44 11.47
CA ASN A 423 12.54 -27.32 12.56
C ASN A 423 13.75 -26.72 13.27
N HIS A 424 13.60 -25.48 13.71
CA HIS A 424 14.73 -24.66 14.14
C HIS A 424 15.31 -25.15 15.47
N ARG A 425 16.64 -25.09 15.58
CA ARG A 425 17.37 -25.33 16.83
C ARG A 425 18.33 -24.19 17.11
N LYS A 426 17.82 -22.97 17.04
CA LYS A 426 18.65 -21.79 17.23
C LYS A 426 19.04 -21.61 18.69
N LEU A 427 20.27 -21.14 18.90
CA LEU A 427 20.77 -20.79 20.23
C LEU A 427 20.68 -19.27 20.39
N SER A 428 20.25 -18.83 21.57
CA SER A 428 20.03 -17.42 21.84
C SER A 428 20.79 -17.00 23.09
N PRO A 429 21.80 -16.15 22.97
CA PRO A 429 22.53 -15.69 24.15
C PRO A 429 21.94 -14.41 24.72
N ASN A 430 22.34 -14.12 25.96
CA ASN A 430 21.85 -12.95 26.69
C ASN A 430 22.88 -12.68 27.78
N VAL A 431 23.42 -11.46 27.80
CA VAL A 431 24.38 -11.04 28.82
C VAL A 431 23.88 -9.76 29.45
N SER A 432 23.84 -9.70 30.77
CA SER A 432 23.36 -8.52 31.49
C SER A 432 24.30 -8.20 32.65
N ILE A 433 24.92 -7.02 32.58
CA ILE A 433 25.88 -6.56 33.58
C ILE A 433 25.31 -5.32 34.25
N SER A 434 25.44 -5.25 35.57
CA SER A 434 24.92 -4.14 36.38
C SER A 434 26.02 -3.56 37.26
N LEU A 435 27.14 -3.18 36.63
CA LEU A 435 28.30 -2.61 37.32
C LEU A 435 27.93 -1.34 38.08
N LYS A 436 28.38 -1.25 39.33
CA LYS A 436 27.96 -0.21 40.26
C LYS A 436 29.15 0.37 41.02
N PRO A 437 29.71 1.47 40.56
CA PRO A 437 30.71 2.20 41.35
C PRO A 437 30.00 3.13 42.32
N PHE A 438 30.81 3.95 43.02
CA PHE A 438 30.34 5.05 43.87
C PHE A 438 29.41 4.59 44.97
N HIS A 439 29.94 3.85 45.95
CA HIS A 439 29.15 3.15 46.96
C HIS A 439 28.24 4.08 47.78
N ASN A 440 28.63 5.34 47.94
CA ASN A 440 27.88 6.30 48.75
C ASN A 440 26.51 6.65 48.18
N GLU A 441 26.25 6.39 46.90
CA GLU A 441 24.96 6.66 46.30
C GLU A 441 24.54 5.49 45.42
N GLU A 442 23.24 5.35 45.22
CA GLU A 442 22.69 4.20 44.48
C GLU A 442 22.66 4.49 42.98
N LEU A 443 23.85 4.50 42.38
CA LEU A 443 24.00 4.78 40.96
C LEU A 443 24.53 3.54 40.26
N ARG A 444 23.78 3.05 39.26
CA ARG A 444 24.03 1.80 38.57
C ARG A 444 24.38 2.11 37.12
N PHE A 445 25.38 1.42 36.59
CA PHE A 445 25.57 1.31 35.14
C PHE A 445 25.11 -0.06 34.70
N ARG A 446 24.27 -0.11 33.67
CA ARG A 446 23.68 -1.36 33.20
C ARG A 446 23.98 -1.54 31.73
N PHE A 447 24.11 -2.79 31.30
CA PHE A 447 24.32 -3.12 29.90
C PHE A 447 23.85 -4.54 29.65
N PHE A 448 22.91 -4.72 28.72
CA PHE A 448 22.51 -6.07 28.36
C PHE A 448 22.45 -6.22 26.85
N TYR A 449 23.10 -7.27 26.37
CA TYR A 449 23.00 -7.75 25.01
C TYR A 449 22.04 -8.93 24.98
N LYS A 450 21.10 -8.91 24.04
CA LYS A 450 20.13 -10.01 23.97
C LYS A 450 19.75 -10.25 22.51
N ASP A 451 19.86 -11.51 22.09
CA ASP A 451 19.43 -11.92 20.77
C ASP A 451 18.22 -12.83 20.93
N ILE A 452 17.03 -12.31 20.61
CA ILE A 452 15.80 -13.07 20.64
C ILE A 452 15.32 -13.24 19.21
N PHE A 453 14.23 -13.99 19.04
CA PHE A 453 13.67 -14.15 17.70
C PHE A 453 12.19 -14.47 17.77
N ARG A 454 11.48 -13.93 16.79
CA ARG A 454 10.07 -14.21 16.53
C ARG A 454 9.88 -15.66 16.11
N LEU A 455 8.77 -16.25 16.50
CA LEU A 455 8.34 -17.40 15.73
C LEU A 455 7.23 -16.97 14.77
N PRO A 456 7.22 -17.53 13.55
CA PRO A 456 6.09 -17.28 12.65
C PRO A 456 4.81 -17.86 13.22
N SER A 457 3.78 -17.01 13.29
CA SER A 457 2.51 -17.41 13.87
C SER A 457 1.77 -18.38 12.95
N PHE A 458 0.71 -18.99 13.48
CA PHE A 458 -0.06 -19.92 12.67
C PHE A 458 -0.89 -19.19 11.62
N ASN A 459 -1.21 -17.91 11.85
CA ASN A 459 -1.79 -17.11 10.77
C ASN A 459 -0.72 -16.73 9.74
N ASP A 460 0.55 -16.76 10.15
CA ASP A 460 1.62 -16.43 9.20
C ASP A 460 2.03 -17.63 8.38
N LEU A 461 1.54 -18.83 8.74
CA LEU A 461 1.99 -20.04 8.07
C LEU A 461 0.85 -20.85 7.47
N TYR A 462 -0.34 -20.82 8.08
CA TYR A 462 -1.41 -21.73 7.74
C TYR A 462 -2.73 -21.00 7.53
N TYR A 463 -2.66 -19.73 7.20
CA TYR A 463 -3.84 -19.02 6.75
C TYR A 463 -4.06 -19.42 5.29
N ASP A 464 -5.27 -19.17 4.76
CA ASP A 464 -5.73 -19.85 3.54
C ASP A 464 -4.96 -19.39 2.31
N LYS A 465 -3.75 -19.96 2.18
CA LYS A 465 -2.77 -19.80 1.10
C LYS A 465 -2.36 -18.35 0.84
N ALA A 466 -2.59 -17.46 1.80
CA ALA A 466 -2.01 -16.12 1.79
C ALA A 466 -0.69 -16.03 2.52
N GLY A 467 -0.52 -16.79 3.60
CA GLY A 467 0.72 -16.78 4.34
C GLY A 467 1.72 -17.78 3.79
N ASN A 468 2.99 -17.38 3.82
CA ASN A 468 4.07 -18.22 3.33
C ASN A 468 4.33 -19.36 4.29
N ILE A 469 4.93 -20.43 3.78
CA ILE A 469 5.31 -21.56 4.61
C ILE A 469 6.81 -21.55 4.92
N ASN A 470 7.61 -20.82 4.15
CA ASN A 470 9.07 -20.81 4.29
C ASN A 470 9.57 -19.54 4.97
N LEU A 471 8.85 -19.04 5.96
CA LEU A 471 9.24 -17.79 6.62
C LEU A 471 10.45 -18.01 7.52
N LYS A 472 11.47 -17.20 7.33
CA LYS A 472 12.60 -17.17 8.24
C LYS A 472 12.19 -16.47 9.54
N PRO A 473 12.55 -17.03 10.71
CA PRO A 473 11.96 -16.60 11.98
C PRO A 473 12.65 -15.40 12.63
N GLU A 474 12.90 -14.35 11.84
CA GLU A 474 13.32 -13.02 12.28
C GLU A 474 14.56 -12.97 13.16
N SER A 475 14.75 -11.85 13.85
CA SER A 475 15.81 -11.63 14.83
C SER A 475 15.45 -10.40 15.64
N ALA A 476 16.09 -10.24 16.80
CA ALA A 476 15.94 -9.06 17.66
C ALA A 476 17.21 -8.96 18.48
N THR A 477 18.13 -8.10 18.04
CA THR A 477 19.46 -8.01 18.62
C THR A 477 19.59 -6.67 19.34
N GLN A 478 19.73 -6.71 20.66
CA GLN A 478 19.53 -5.54 21.53
C GLN A 478 20.78 -5.29 22.38
N TYR A 479 21.22 -4.04 22.44
CA TYR A 479 22.45 -3.64 23.13
C TYR A 479 22.21 -2.44 24.04
N ASN A 480 21.19 -2.53 24.90
CA ASN A 480 20.86 -1.41 25.76
C ASN A 480 21.93 -1.14 26.81
N ILE A 481 22.30 0.12 26.98
CA ILE A 481 23.21 0.57 28.02
C ILE A 481 22.57 1.75 28.74
N GLY A 482 22.62 1.74 30.07
CA GLY A 482 21.81 2.65 30.86
C GLY A 482 22.46 3.08 32.16
N ILE A 483 21.94 4.16 32.70
CA ILE A 483 22.36 4.74 33.97
C ILE A 483 21.12 4.85 34.84
N THR A 484 21.19 4.30 36.05
CA THR A 484 20.04 4.26 36.95
C THR A 484 20.41 4.86 38.29
N TYR A 485 19.73 5.92 38.69
CA TYR A 485 20.10 6.66 39.89
C TYR A 485 18.89 6.77 40.80
N SER A 486 19.11 6.63 42.11
CA SER A 486 18.04 6.76 43.08
C SER A 486 18.60 7.29 44.39
N LYS A 487 17.84 8.17 45.05
CA LYS A 487 18.25 8.78 46.30
C LYS A 487 17.02 9.07 47.12
N ALA A 488 17.19 9.08 48.44
CA ALA A 488 16.11 9.43 49.36
C ALA A 488 16.55 10.57 50.27
N ILE A 489 17.10 11.64 49.67
CA ILE A 489 17.69 12.73 50.44
C ILE A 489 16.60 13.53 51.14
N ASN A 490 16.83 13.87 52.40
CA ASN A 490 15.94 14.59 53.30
C ASN A 490 14.58 13.91 53.47
N ASN A 491 13.61 14.67 53.98
CA ASN A 491 12.23 14.22 54.08
C ASN A 491 11.28 15.06 53.24
N PHE A 492 11.76 16.15 52.64
CA PHE A 492 10.97 16.88 51.66
C PHE A 492 10.78 16.04 50.41
N ILE A 493 11.79 15.25 50.04
CA ILE A 493 11.70 14.33 48.92
C ILE A 493 11.96 12.93 49.49
N PRO A 494 10.90 12.16 49.82
CA PRO A 494 11.12 10.78 50.29
C PRO A 494 11.77 9.86 49.26
N TYR A 495 11.55 10.09 47.97
CA TYR A 495 12.11 9.20 46.95
C TYR A 495 12.33 9.98 45.67
N LEU A 496 13.50 9.81 45.08
CA LEU A 496 13.84 10.38 43.78
C LEU A 496 14.55 9.29 42.97
N SER A 497 14.25 9.20 41.69
CA SER A 497 14.90 8.22 40.83
C SER A 497 14.84 8.68 39.38
N ALA A 498 15.90 8.40 38.63
CA ALA A 498 15.99 8.74 37.22
C ALA A 498 16.80 7.66 36.50
N THR A 499 16.34 7.25 35.34
CA THR A 499 16.91 6.10 34.65
C THR A 499 16.91 6.33 33.15
N VAL A 500 18.09 6.37 32.55
CA VAL A 500 18.25 6.68 31.14
C VAL A 500 18.95 5.51 30.45
N ASP A 501 18.31 4.94 29.42
CA ASP A 501 18.85 3.80 28.70
C ASP A 501 18.91 4.11 27.22
N ALA A 502 20.11 4.23 26.68
CA ALA A 502 20.30 4.31 25.24
C ALA A 502 20.47 2.90 24.69
N TYR A 503 19.61 2.53 23.75
CA TYR A 503 19.53 1.17 23.27
C TYR A 503 19.60 1.12 21.76
N HIS A 504 20.17 0.02 21.25
CA HIS A 504 20.31 -0.20 19.83
C HIS A 504 19.74 -1.57 19.49
N ASN A 505 18.54 -1.59 18.91
CA ASN A 505 17.87 -2.83 18.52
C ASN A 505 18.07 -3.06 17.04
N LYS A 506 18.54 -4.24 16.67
CA LYS A 506 18.63 -4.64 15.28
C LYS A 506 17.65 -5.77 15.02
N VAL A 507 16.76 -5.57 14.07
CA VAL A 507 15.84 -6.60 13.59
C VAL A 507 16.28 -6.97 12.19
N THR A 508 16.47 -8.26 11.92
CA THR A 508 16.75 -8.75 10.59
C THR A 508 15.74 -9.83 10.24
N ASP A 509 15.53 -10.00 8.93
CA ASP A 509 14.61 -11.00 8.36
C ASP A 509 13.19 -10.84 8.90
N LYS A 510 12.72 -9.60 8.98
CA LYS A 510 11.46 -9.28 9.62
C LYS A 510 10.27 -9.78 8.80
N ILE A 511 9.39 -10.54 9.46
CA ILE A 511 8.17 -11.01 8.83
C ILE A 511 7.20 -9.83 8.74
N VAL A 512 6.77 -9.51 7.52
CA VAL A 512 5.88 -8.37 7.30
C VAL A 512 4.76 -8.80 6.38
N ALA A 513 3.58 -8.22 6.60
CA ALA A 513 2.44 -8.46 5.73
C ALA A 513 2.35 -7.39 4.66
N THR A 514 2.70 -7.76 3.44
CA THR A 514 2.62 -6.84 2.32
C THR A 514 1.38 -7.15 1.50
N PRO A 515 0.64 -6.12 1.10
CA PRO A 515 -0.55 -6.36 0.28
C PRO A 515 -0.18 -6.79 -1.13
N THR A 516 -1.11 -7.49 -1.76
CA THR A 516 -0.92 -7.94 -3.13
C THR A 516 -1.97 -7.40 -4.10
N LYS A 517 -3.01 -6.72 -3.60
CA LYS A 517 -4.05 -6.06 -4.40
C LYS A 517 -4.76 -7.02 -5.35
N ASN A 518 -5.12 -8.18 -4.80
CA ASN A 518 -6.01 -9.14 -5.42
C ASN A 518 -6.66 -9.91 -4.28
N LEU A 519 -7.23 -11.07 -4.59
CA LEU A 519 -7.72 -11.94 -3.55
C LEU A 519 -6.55 -12.45 -2.68
N PHE A 520 -6.88 -12.85 -1.45
CA PHE A 520 -5.94 -13.10 -0.34
C PHE A 520 -4.90 -11.99 -0.22
N ILE A 521 -5.41 -10.84 0.23
CA ILE A 521 -4.78 -9.52 0.05
C ILE A 521 -3.39 -9.48 0.69
N TRP A 522 -3.31 -9.65 2.00
CA TRP A 522 -2.03 -9.56 2.68
C TRP A 522 -1.28 -10.88 2.63
N SER A 523 0.02 -10.79 2.39
CA SER A 523 0.87 -11.96 2.29
C SER A 523 2.14 -11.75 3.11
N MET A 524 2.57 -12.82 3.78
CA MET A 524 3.78 -12.79 4.60
C MET A 524 5.01 -12.85 3.73
N VAL A 525 6.00 -12.01 4.04
CA VAL A 525 7.29 -12.03 3.36
C VAL A 525 8.34 -11.50 4.32
N ASN A 526 9.57 -12.00 4.18
CA ASN A 526 10.70 -11.55 4.98
C ASN A 526 11.40 -10.38 4.28
N LEU A 527 10.73 -9.23 4.32
CA LEU A 527 11.25 -7.99 3.73
C LEU A 527 11.25 -6.92 4.81
N GLY A 528 12.31 -6.89 5.60
CA GLY A 528 12.47 -5.86 6.61
C GLY A 528 13.73 -6.05 7.43
N LYS A 529 14.50 -4.97 7.61
CA LYS A 529 15.73 -5.01 8.38
C LYS A 529 15.82 -3.80 9.31
N VAL A 530 14.77 -3.60 10.12
CA VAL A 530 14.61 -2.38 10.92
C VAL A 530 15.71 -2.24 11.95
N ASP A 531 16.35 -1.06 11.97
CA ASP A 531 17.39 -0.71 12.92
C ASP A 531 16.84 0.36 13.87
N ILE A 532 16.76 0.03 15.15
CA ILE A 532 16.23 0.94 16.16
C ILE A 532 17.39 1.42 17.02
N LYS A 533 17.47 2.73 17.25
CA LYS A 533 18.59 3.35 17.96
C LYS A 533 18.06 4.41 18.93
N GLY A 534 16.98 4.09 19.64
CA GLY A 534 16.34 5.04 20.52
C GLY A 534 16.92 5.07 21.92
N ILE A 535 16.57 6.13 22.65
CA ILE A 535 16.99 6.32 24.03
C ILE A 535 15.76 6.62 24.89
N ASP A 536 15.61 5.89 25.98
CA ASP A 536 14.43 5.97 26.83
C ASP A 536 14.83 6.40 28.23
N ALA A 537 14.28 7.52 28.68
CA ALA A 537 14.54 8.02 30.02
C ALA A 537 13.24 7.94 30.82
N THR A 538 13.37 7.82 32.14
CA THR A 538 12.22 7.81 33.03
C THR A 538 12.64 8.38 34.37
N ALA A 539 11.65 8.80 35.15
CA ALA A 539 11.91 9.39 36.44
C ALA A 539 10.71 9.19 37.35
N SER A 540 10.98 9.08 38.64
CA SER A 540 9.94 8.99 39.65
C SER A 540 10.37 9.84 40.83
N LEU A 541 9.65 10.91 41.10
CA LEU A 541 10.06 11.88 42.11
C LEU A 541 8.85 12.15 42.99
N SER A 542 8.87 11.62 44.21
CA SER A 542 7.83 11.86 45.18
C SER A 542 8.31 12.91 46.16
N LEU A 543 7.54 13.98 46.31
CA LEU A 543 7.88 15.04 47.26
C LEU A 543 6.70 15.27 48.21
N GLN A 544 7.01 15.46 49.49
CA GLN A 544 6.01 15.60 50.54
C GLN A 544 6.21 16.94 51.23
N PRO A 545 5.45 17.96 50.85
CA PRO A 545 5.47 19.22 51.60
C PRO A 545 4.58 19.13 52.83
N LEU A 546 4.98 19.89 53.86
CA LEU A 546 4.33 19.95 55.18
C LEU A 546 4.16 18.57 55.80
N ASP A 547 2.96 18.02 55.71
CA ASP A 547 2.67 16.68 56.19
C ASP A 547 1.45 16.15 55.45
N LYS A 548 1.39 14.82 55.34
CA LYS A 548 0.31 13.99 54.75
C LYS A 548 -0.26 14.52 53.44
N LEU A 549 0.59 15.11 52.61
CA LEU A 549 0.19 15.78 51.37
C LEU A 549 1.19 15.35 50.27
N ARG A 550 1.29 14.04 50.05
CA ARG A 550 2.18 13.50 49.03
C ARG A 550 1.84 14.01 47.64
N ILE A 551 2.87 14.44 46.91
CA ILE A 551 2.73 15.12 45.63
C ILE A 551 3.54 14.24 44.66
N ASN A 552 3.34 12.92 44.80
CA ASN A 552 4.06 11.88 44.04
C ASN A 552 3.97 12.13 42.54
N LEU A 553 5.13 12.31 41.91
CA LEU A 553 5.24 12.60 40.48
C LEU A 553 6.00 11.47 39.79
N SER A 554 5.74 11.31 38.50
CA SER A 554 6.49 10.37 37.67
C SER A 554 6.50 10.88 36.25
N GLY A 555 7.46 10.41 35.46
CA GLY A 555 7.57 10.84 34.08
C GLY A 555 8.37 9.85 33.27
N ASN A 556 8.27 9.97 31.96
CA ASN A 556 8.94 9.08 31.04
C ASN A 556 9.06 9.78 29.69
N TYR A 557 10.11 9.44 28.96
CA TYR A 557 10.40 10.08 27.68
C TYR A 557 11.13 9.06 26.82
N THR A 558 10.95 9.13 25.51
CA THR A 558 11.58 8.22 24.58
C THR A 558 11.90 8.95 23.29
N TYR A 559 13.18 9.00 22.93
CA TYR A 559 13.60 9.47 21.62
C TYR A 559 13.83 8.21 20.79
N GLN A 560 12.78 7.80 20.08
CA GLN A 560 12.82 6.56 19.33
C GLN A 560 13.24 6.83 17.89
N ARG A 561 14.39 6.29 17.50
CA ARG A 561 14.86 6.39 16.13
C ARG A 561 14.87 4.98 15.55
N ALA A 562 13.83 4.65 14.79
CA ALA A 562 13.64 3.30 14.26
C ALA A 562 13.58 3.41 12.74
N LEU A 563 14.74 3.28 12.10
CA LEU A 563 14.87 3.48 10.67
C LEU A 563 14.89 2.13 9.95
N ASP A 564 14.14 2.04 8.86
CA ASP A 564 14.14 0.84 8.04
C ASP A 564 15.32 0.92 7.09
N VAL A 565 16.27 -0.02 7.21
CA VAL A 565 17.49 0.03 6.41
C VAL A 565 17.66 -1.23 5.55
N THR A 566 16.53 -1.75 5.02
CA THR A 566 16.51 -3.07 4.40
C THR A 566 17.30 -3.14 3.09
N ASN A 567 17.42 -2.03 2.34
CA ASN A 567 18.10 -2.08 1.06
C ASN A 567 18.53 -0.67 0.68
N SER A 568 19.84 -0.47 0.53
CA SER A 568 20.42 0.86 0.41
C SER A 568 20.30 1.46 -0.98
N ASN A 569 20.08 0.66 -2.04
CA ASN A 569 20.11 1.24 -3.37
C ASN A 569 18.80 1.97 -3.68
N PRO A 570 18.86 3.11 -4.36
CA PRO A 570 17.61 3.83 -4.70
C PRO A 570 16.78 3.13 -5.76
N ASN A 571 17.36 2.23 -6.55
CA ASN A 571 16.64 1.53 -7.63
C ASN A 571 16.04 0.24 -7.08
N SER A 572 15.10 0.40 -6.16
CA SER A 572 14.43 -0.71 -5.51
C SER A 572 13.09 -0.23 -4.99
N PRO A 573 12.08 -1.10 -4.92
CA PRO A 573 10.80 -0.69 -4.30
C PRO A 573 10.92 -0.37 -2.82
N GLU A 574 11.80 -1.06 -2.10
CA GLU A 574 12.11 -0.74 -0.72
C GLU A 574 13.31 0.18 -0.57
N GLY A 575 13.86 0.68 -1.68
CA GLY A 575 14.93 1.65 -1.59
C GLY A 575 14.44 3.04 -1.25
N LYS A 576 13.14 3.31 -1.42
CA LYS A 576 12.56 4.56 -0.97
C LYS A 576 12.27 4.53 0.52
N VAL A 577 12.35 3.35 1.14
CA VAL A 577 12.11 3.14 2.56
C VAL A 577 13.43 3.08 3.34
N TYR A 578 14.56 3.07 2.62
CA TYR A 578 15.88 3.07 3.26
C TYR A 578 16.13 4.36 4.03
N LYS A 579 16.62 4.20 5.26
CA LYS A 579 16.83 5.28 6.24
C LYS A 579 15.56 6.11 6.47
N HIS A 580 14.42 5.43 6.55
CA HIS A 580 13.14 6.06 6.79
C HIS A 580 12.49 5.44 8.01
N GLN A 581 11.73 6.25 8.75
CA GLN A 581 11.05 5.78 9.95
C GLN A 581 9.98 4.76 9.59
N ILE A 582 9.89 3.70 10.41
CA ILE A 582 8.91 2.65 10.20
C ILE A 582 7.53 3.16 10.56
N ALA A 583 6.50 2.36 10.24
CA ALA A 583 5.12 2.83 10.13
C ALA A 583 4.54 3.42 11.41
N TYR A 584 4.27 2.61 12.42
CA TYR A 584 3.61 3.12 13.62
C TYR A 584 4.65 3.15 14.72
N THR A 585 5.43 4.22 14.76
CA THR A 585 6.46 4.41 15.77
C THR A 585 6.67 5.90 15.99
N PRO A 586 6.17 6.46 17.09
CA PRO A 586 6.42 7.87 17.37
C PRO A 586 7.86 8.08 17.80
N ARG A 587 8.45 9.18 17.33
CA ARG A 587 9.84 9.44 17.65
C ARG A 587 10.00 9.94 19.09
N VAL A 588 9.12 10.84 19.53
CA VAL A 588 9.34 11.62 20.75
C VAL A 588 8.18 11.25 21.69
N SER A 589 7.88 9.95 21.74
CA SER A 589 6.87 9.47 22.68
C SER A 589 7.29 9.71 24.12
N ALA A 590 6.34 10.10 24.95
CA ALA A 590 6.61 10.48 26.34
C ALA A 590 5.33 10.31 27.16
N SER A 591 5.49 10.41 28.47
CA SER A 591 4.36 10.23 29.39
C SER A 591 4.69 10.90 30.71
N GLY A 592 3.66 11.11 31.52
CA GLY A 592 3.87 11.68 32.84
C GLY A 592 2.67 11.46 33.73
N GLN A 593 2.93 11.41 35.04
CA GLN A 593 1.90 11.20 36.03
C GLN A 593 2.15 12.09 37.23
N ALA A 594 1.07 12.40 37.96
CA ALA A 594 1.13 13.27 39.13
C ALA A 594 0.06 12.84 40.11
N GLY A 595 0.47 12.25 41.23
CA GLY A 595 -0.44 11.81 42.26
C GLY A 595 -0.42 12.76 43.44
N ILE A 596 -1.61 13.18 43.88
CA ILE A 596 -1.77 14.12 44.97
C ILE A 596 -2.52 13.39 46.09
N GLU A 597 -1.79 12.96 47.11
CA GLU A 597 -2.38 12.15 48.17
C GLU A 597 -2.70 13.03 49.37
N THR A 598 -3.97 13.37 49.52
CA THR A 598 -4.49 14.08 50.68
C THR A 598 -5.47 13.17 51.40
N PRO A 599 -5.58 13.29 52.72
CA PRO A 599 -6.48 12.39 53.47
C PRO A 599 -7.96 12.60 53.20
N TRP A 600 -8.37 13.71 52.61
CA TRP A 600 -9.78 13.94 52.33
C TRP A 600 -10.15 13.71 50.87
N LEU A 601 -9.19 13.75 49.94
CA LEU A 601 -9.43 13.43 48.55
C LEU A 601 -8.09 13.16 47.87
N ASN A 602 -7.97 11.98 47.27
CA ASN A 602 -6.80 11.67 46.45
C ASN A 602 -7.07 12.12 45.01
N LEU A 603 -6.07 12.72 44.39
CA LEU A 603 -6.16 13.15 43.00
C LEU A 603 -5.04 12.48 42.21
N SER A 604 -5.24 12.31 40.92
CA SER A 604 -4.23 11.74 40.04
C SER A 604 -4.38 12.32 38.65
N TYR A 605 -3.25 12.52 37.98
CA TYR A 605 -3.23 13.01 36.61
C TYR A 605 -2.24 12.15 35.84
N SER A 606 -2.53 11.91 34.56
CA SER A 606 -1.66 11.14 33.70
C SER A 606 -1.83 11.60 32.26
N PHE A 607 -0.72 11.93 31.62
CA PHE A 607 -0.78 12.40 30.24
C PHE A 607 0.19 11.58 29.39
N LEU A 608 -0.23 11.36 28.15
CA LEU A 608 0.53 10.67 27.12
C LEU A 608 0.83 11.64 25.99
N PHE A 609 2.08 11.69 25.57
CA PHE A 609 2.47 12.46 24.40
C PHE A 609 3.02 11.47 23.39
N SER A 610 2.59 11.58 22.14
CA SER A 610 3.21 10.83 21.07
C SER A 610 3.43 11.76 19.90
N GLY A 611 4.62 11.69 19.32
CA GLY A 611 5.03 12.62 18.29
C GLY A 611 4.39 12.32 16.94
N LYS A 612 5.09 12.75 15.90
CA LYS A 612 4.56 12.60 14.56
C LYS A 612 4.66 11.15 14.10
N ARG A 613 3.66 10.35 14.45
CA ARG A 613 3.58 8.99 13.94
C ARG A 613 3.35 9.04 12.44
N TYR A 614 4.03 8.17 11.73
CA TYR A 614 3.91 8.11 10.28
C TYR A 614 3.06 6.92 9.86
N MET A 615 3.06 6.64 8.57
CA MET A 615 2.34 5.52 8.03
C MET A 615 3.15 4.90 6.92
N LEU A 616 3.18 3.58 6.86
CA LEU A 616 3.69 2.75 5.78
C LEU A 616 5.21 2.85 5.57
N GLY A 617 5.93 3.66 6.33
CA GLY A 617 7.36 3.77 6.19
C GLY A 617 7.85 4.67 5.09
N GLN A 618 6.94 5.31 4.34
CA GLN A 618 7.36 6.11 3.19
C GLN A 618 7.79 7.52 3.59
N ASN A 619 7.17 8.05 4.65
CA ASN A 619 7.46 9.38 5.24
C ASN A 619 7.24 10.52 4.26
N ILE A 620 6.01 10.65 3.78
CA ILE A 620 5.57 11.85 3.08
C ILE A 620 4.48 12.48 3.96
N SER A 621 4.25 13.78 3.77
CA SER A 621 3.26 14.50 4.57
C SER A 621 1.83 14.06 4.26
N ASP A 622 1.63 13.32 3.16
CA ASP A 622 0.27 12.88 2.83
C ASP A 622 -0.22 11.77 3.76
N ASN A 623 0.67 10.88 4.20
CA ASN A 623 0.32 9.86 5.18
C ASN A 623 0.91 10.15 6.56
N ARG A 624 0.92 11.41 6.98
CA ARG A 624 1.30 11.78 8.33
C ARG A 624 0.14 11.61 9.30
N LEU A 625 0.45 11.16 10.51
CA LEU A 625 -0.47 11.25 11.63
C LEU A 625 0.08 12.27 12.62
N ASP A 626 -0.80 13.14 13.11
CA ASP A 626 -0.36 14.25 13.94
C ASP A 626 0.00 13.77 15.34
N SER A 627 0.84 14.56 16.00
CA SER A 627 1.20 14.32 17.40
C SER A 627 -0.01 14.52 18.29
N TYR A 628 -0.15 13.64 19.28
CA TYR A 628 -1.32 13.73 20.16
C TYR A 628 -0.89 13.77 21.62
N SER A 629 -1.77 14.35 22.42
CA SER A 629 -1.64 14.39 23.87
C SER A 629 -2.94 13.94 24.51
N ASP A 630 -2.86 12.88 25.31
CA ASP A 630 -3.99 12.33 26.04
C ASP A 630 -3.84 12.65 27.52
N HIS A 631 -4.61 13.60 28.01
CA HIS A 631 -4.53 14.04 29.40
C HIS A 631 -5.72 13.46 30.15
N SER A 632 -5.48 12.97 31.35
CA SER A 632 -6.55 12.35 32.13
C SER A 632 -6.38 12.69 33.60
N ILE A 633 -7.50 12.74 34.32
CA ILE A 633 -7.51 13.09 35.73
C ILE A 633 -8.43 12.11 36.44
N SER A 634 -8.22 11.90 37.74
CA SER A 634 -9.06 11.02 38.54
C SER A 634 -9.02 11.42 40.00
N ALA A 635 -10.05 11.00 40.73
CA ALA A 635 -10.19 11.28 42.15
C ALA A 635 -10.58 9.99 42.86
N TYR A 636 -10.00 9.79 44.04
CA TYR A 636 -10.17 8.58 44.84
C TYR A 636 -10.50 8.93 46.28
N ARG A 637 -11.36 8.13 46.89
CA ARG A 637 -11.69 8.32 48.29
C ARG A 637 -12.05 6.98 48.93
N ASP A 638 -11.55 6.76 50.15
CA ASP A 638 -11.85 5.56 50.92
C ASP A 638 -12.64 5.94 52.17
N PHE A 639 -13.69 5.19 52.44
CA PHE A 639 -14.56 5.40 53.60
C PHE A 639 -14.48 4.17 54.48
N LYS A 640 -14.38 4.38 55.79
CA LYS A 640 -14.38 3.29 56.76
C LYS A 640 -15.76 3.23 57.41
N ILE A 641 -16.55 2.22 57.04
CA ILE A 641 -17.92 2.08 57.52
C ILE A 641 -17.99 0.72 58.21
N GLN A 642 -17.88 0.74 59.55
CA GLN A 642 -17.84 -0.41 60.48
C GLN A 642 -16.99 -1.57 59.95
N LYS A 643 -15.69 -1.27 59.76
CA LYS A 643 -14.65 -2.14 59.21
C LYS A 643 -14.95 -2.60 57.79
N VAL A 644 -15.75 -1.84 57.03
CA VAL A 644 -15.99 -2.10 55.61
C VAL A 644 -15.40 -0.92 54.83
N THR A 645 -14.54 -1.22 53.87
CA THR A 645 -13.82 -0.17 53.15
C THR A 645 -14.53 0.13 51.84
N ALA A 646 -15.23 1.26 51.79
CA ALA A 646 -15.85 1.71 50.56
C ALA A 646 -14.87 2.59 49.79
N SER A 647 -14.94 2.51 48.47
CA SER A 647 -14.05 3.27 47.61
C SER A 647 -14.86 3.94 46.50
N LEU A 648 -14.71 5.25 46.40
CA LEU A 648 -15.35 6.04 45.35
C LEU A 648 -14.26 6.58 44.43
N ASN A 649 -14.42 6.32 43.13
CA ASN A 649 -13.45 6.73 42.13
C ASN A 649 -14.17 7.45 41.00
N LEU A 650 -13.65 8.62 40.63
CA LEU A 650 -14.18 9.42 39.54
C LEU A 650 -13.05 9.70 38.55
N GLU A 651 -13.15 9.13 37.35
CA GLU A 651 -12.09 9.24 36.36
C GLU A 651 -12.60 9.99 35.14
N VAL A 652 -11.85 10.97 34.69
CA VAL A 652 -12.09 11.65 33.43
C VAL A 652 -10.93 11.30 32.52
N LEU A 653 -11.22 10.53 31.47
CA LEU A 653 -10.22 10.08 30.51
C LEU A 653 -10.33 10.92 29.25
N ASN A 654 -9.17 11.26 28.68
CA ASN A 654 -9.02 12.21 27.58
C ASN A 654 -9.67 13.55 27.94
N LEU A 655 -9.08 14.19 28.96
CA LEU A 655 -9.66 15.40 29.56
C LEU A 655 -9.74 16.54 28.55
N MET A 656 -8.65 16.83 27.86
CA MET A 656 -8.72 17.65 26.66
C MET A 656 -9.36 16.80 25.58
N ASN A 657 -10.54 17.21 25.10
CA ASN A 657 -11.34 16.39 24.20
C ASN A 657 -10.69 16.37 22.82
N ARG A 658 -9.65 15.55 22.70
CA ARG A 658 -8.90 15.41 21.47
C ARG A 658 -9.32 14.11 20.79
N ASN A 659 -9.86 14.21 19.58
CA ASN A 659 -10.24 13.04 18.79
C ASN A 659 -9.02 12.62 17.98
N TYR A 660 -8.23 11.71 18.53
CA TYR A 660 -6.96 11.31 17.95
C TYR A 660 -7.02 9.86 17.55
N GLU A 661 -6.13 9.48 16.65
CA GLU A 661 -6.01 8.10 16.19
C GLU A 661 -4.56 7.67 16.32
N ILE A 662 -4.35 6.41 16.68
CA ILE A 662 -3.00 5.88 16.78
C ILE A 662 -2.68 4.94 15.62
N VAL A 663 -3.68 4.19 15.17
CA VAL A 663 -3.65 3.50 13.90
C VAL A 663 -4.71 4.14 13.02
N LYS A 664 -4.37 4.34 11.74
CA LYS A 664 -5.16 5.16 10.83
C LYS A 664 -6.59 4.65 10.68
N ASN A 665 -7.53 5.59 10.77
CA ASN A 665 -8.97 5.36 10.71
C ASN A 665 -9.48 4.44 11.82
N PHE A 666 -8.83 4.45 12.99
CA PHE A 666 -9.32 3.80 14.19
C PHE A 666 -9.30 4.83 15.31
N PRO A 667 -10.30 5.70 15.39
CA PRO A 667 -10.24 6.79 16.37
C PRO A 667 -10.55 6.31 17.78
N MET A 668 -9.76 6.76 18.70
CA MET A 668 -9.81 6.56 20.13
C MET A 668 -10.90 7.42 20.75
N PRO A 669 -11.46 6.98 21.88
CA PRO A 669 -12.57 7.72 22.50
C PRO A 669 -12.15 9.09 23.02
N GLY A 670 -13.13 9.99 23.08
CA GLY A 670 -12.90 11.31 23.63
C GLY A 670 -13.04 11.37 25.13
N ARG A 671 -13.63 12.44 25.64
CA ARG A 671 -13.75 12.65 27.07
C ARG A 671 -14.78 11.71 27.67
N SER A 672 -14.32 10.80 28.53
CA SER A 672 -15.20 9.80 29.12
C SER A 672 -15.11 9.89 30.64
N VAL A 673 -16.24 9.64 31.29
CA VAL A 673 -16.34 9.70 32.75
C VAL A 673 -16.64 8.30 33.26
N ARG A 674 -15.86 7.85 34.23
CA ARG A 674 -15.98 6.51 34.79
C ARG A 674 -16.11 6.60 36.30
N VAL A 675 -17.16 5.98 36.83
CA VAL A 675 -17.47 6.04 38.25
C VAL A 675 -17.36 4.64 38.83
N THR A 676 -16.55 4.49 39.88
CA THR A 676 -16.32 3.20 40.50
C THR A 676 -16.75 3.25 41.96
N ILE A 677 -17.62 2.31 42.34
CA ILE A 677 -18.03 2.12 43.73
C ILE A 677 -17.55 0.74 44.16
N GLY A 678 -16.77 0.70 45.22
CA GLY A 678 -16.19 -0.56 45.68
C GLY A 678 -16.47 -0.79 47.15
N VAL A 679 -16.72 -2.07 47.47
CA VAL A 679 -16.95 -2.53 48.83
C VAL A 679 -15.87 -3.57 49.15
N ARG A 680 -15.17 -3.36 50.25
CA ARG A 680 -14.13 -4.27 50.71
C ARG A 680 -14.53 -4.80 52.08
N TYR A 681 -14.45 -6.13 52.24
CA TYR A 681 -14.74 -6.87 53.48
C TYR A 681 -16.17 -6.63 53.97
N CYS B 27 12.52 17.46 21.57
CA CYS B 27 13.32 17.56 20.36
C CYS B 27 12.80 16.61 19.29
N ASP B 28 11.86 17.09 18.48
CA ASP B 28 11.27 16.30 17.40
C ASP B 28 11.94 16.68 16.08
N ASP B 29 13.00 15.96 15.76
CA ASP B 29 13.71 16.12 14.49
C ASP B 29 13.10 15.28 13.38
N LEU B 30 12.02 14.55 13.66
CA LEU B 30 11.35 13.75 12.64
C LEU B 30 10.58 14.68 11.72
N GLU B 31 10.92 14.65 10.43
CA GLU B 31 10.28 15.49 9.44
C GLU B 31 9.97 14.65 8.19
N ASP B 32 9.02 15.14 7.41
CA ASP B 32 8.66 14.49 6.15
C ASP B 32 9.78 14.62 5.14
N LYS B 33 10.50 13.52 4.92
CA LYS B 33 11.61 13.54 3.98
C LYS B 33 11.07 13.59 2.56
N PRO B 34 11.71 14.33 1.66
CA PRO B 34 11.11 14.58 0.33
C PRO B 34 11.19 13.36 -0.57
N SER B 35 10.57 13.50 -1.74
CA SER B 35 10.52 12.41 -2.70
C SER B 35 11.82 12.25 -3.48
N ILE B 36 12.72 13.23 -3.39
CA ILE B 36 14.07 13.26 -3.99
C ILE B 36 14.03 13.24 -5.53
N VAL B 37 13.46 12.19 -6.11
CA VAL B 37 13.38 12.05 -7.57
C VAL B 37 12.43 13.11 -8.12
N PRO B 38 12.67 13.63 -9.33
CA PRO B 38 11.77 14.65 -9.89
C PRO B 38 10.45 14.04 -10.30
N GLU B 39 9.46 14.93 -10.54
CA GLU B 39 8.11 14.50 -10.86
C GLU B 39 8.05 13.82 -12.23
N SER B 40 8.62 14.45 -13.24
CA SER B 40 8.60 13.92 -14.60
C SER B 40 10.03 13.60 -15.03
N ASN B 41 10.23 12.40 -15.56
CA ASN B 41 11.53 11.95 -16.02
C ASN B 41 11.57 11.83 -17.55
N GLY B 42 10.85 12.70 -18.24
CA GLY B 42 10.85 12.71 -19.70
C GLY B 42 10.04 13.87 -20.19
N ASP B 43 10.03 14.03 -21.51
CA ASP B 43 9.23 15.10 -22.11
C ASP B 43 7.75 14.74 -22.08
N VAL B 44 6.95 15.62 -21.49
CA VAL B 44 5.51 15.38 -21.35
C VAL B 44 4.75 16.00 -22.52
N PHE B 45 4.74 15.30 -23.65
CA PHE B 45 4.02 15.71 -24.85
C PHE B 45 3.01 14.65 -25.20
N GLU B 46 1.84 15.08 -25.66
CA GLU B 46 0.79 14.15 -26.07
C GLU B 46 -0.02 14.81 -27.18
N THR B 47 -0.45 14.01 -28.16
CA THR B 47 -1.16 14.55 -29.29
C THR B 47 -2.66 14.59 -29.02
N GLY B 48 -3.20 15.80 -28.90
CA GLY B 48 -4.64 15.97 -28.80
C GLY B 48 -5.24 15.66 -27.45
N THR B 49 -4.43 15.36 -26.44
CA THR B 49 -4.92 15.08 -25.10
C THR B 49 -4.77 16.33 -24.25
N ALA B 50 -5.87 16.80 -23.68
CA ALA B 50 -5.84 17.99 -22.84
C ALA B 50 -5.61 17.66 -21.38
N GLU B 51 -6.42 16.77 -20.81
CA GLU B 51 -6.27 16.40 -19.41
C GLU B 51 -6.13 14.89 -19.32
N MET B 52 -5.37 14.46 -18.31
CA MET B 52 -5.09 13.06 -18.08
C MET B 52 -5.24 12.75 -16.61
N TYR B 53 -6.23 11.94 -16.26
CA TYR B 53 -6.60 11.68 -14.87
C TYR B 53 -6.15 10.28 -14.46
N ILE B 54 -5.49 10.21 -13.30
CA ILE B 54 -4.92 8.97 -12.78
C ILE B 54 -5.60 8.67 -11.46
N LEU B 55 -6.31 7.56 -11.40
CA LEU B 55 -6.98 7.13 -10.18
C LEU B 55 -6.09 6.17 -9.42
N SER B 56 -5.87 6.45 -8.14
CA SER B 56 -4.97 5.72 -7.27
C SER B 56 -5.76 5.13 -6.11
N GLU B 57 -5.61 3.81 -5.91
CA GLU B 57 -6.42 3.08 -4.95
C GLU B 57 -6.06 3.42 -3.50
N GLY B 58 -4.77 3.61 -3.23
CA GLY B 58 -4.34 3.66 -1.85
C GLY B 58 -4.27 2.25 -1.27
N LEU B 59 -4.57 2.13 0.01
CA LEU B 59 -4.54 0.86 0.70
C LEU B 59 -5.90 0.52 1.29
N PHE B 60 -6.11 -0.77 1.52
CA PHE B 60 -7.34 -1.23 2.16
C PHE B 60 -7.39 -0.79 3.62
N ASN B 61 -8.55 -0.28 4.03
CA ASN B 61 -8.82 0.25 5.38
C ASN B 61 -7.87 1.37 5.78
N GLN B 62 -7.35 2.12 4.80
CA GLN B 62 -6.51 3.27 5.07
C GLN B 62 -6.99 4.53 4.37
N ASN B 63 -7.97 4.41 3.47
CA ASN B 63 -8.72 5.46 2.73
C ASN B 63 -7.87 6.66 2.33
N ASN B 64 -6.70 6.37 1.76
CA ASN B 64 -5.83 7.40 1.19
C ASN B 64 -5.80 7.28 -0.33
N SER B 65 -6.96 6.98 -0.92
CA SER B 65 -7.11 7.01 -2.36
C SER B 65 -7.01 8.43 -2.88
N SER B 66 -6.66 8.56 -4.15
CA SER B 66 -6.50 9.88 -4.73
C SER B 66 -6.86 9.86 -6.21
N LEU B 67 -7.07 11.05 -6.76
CA LEU B 67 -7.30 11.23 -8.18
C LEU B 67 -6.39 12.38 -8.61
N ALA B 68 -5.29 12.05 -9.27
CA ALA B 68 -4.37 13.06 -9.76
C ALA B 68 -4.72 13.42 -11.19
N ARG B 69 -4.25 14.57 -11.63
CA ARG B 69 -4.39 14.96 -13.02
C ARG B 69 -3.11 15.59 -13.54
N TYR B 70 -2.94 15.52 -14.85
CA TYR B 70 -1.93 16.27 -15.56
C TYR B 70 -2.61 17.03 -16.69
N SER B 71 -2.38 18.33 -16.75
CA SER B 71 -2.91 19.19 -17.79
C SER B 71 -1.77 19.48 -18.76
N PHE B 72 -1.89 18.97 -19.98
CA PHE B 72 -0.85 19.15 -20.98
C PHE B 72 -0.86 20.57 -21.54
N ASN B 73 -2.02 21.23 -21.54
CA ASN B 73 -2.09 22.61 -22.01
C ASN B 73 -1.40 23.55 -21.04
N ARG B 74 -1.69 23.44 -19.75
CA ARG B 74 -1.05 24.25 -18.73
C ARG B 74 0.20 23.60 -18.16
N GLN B 75 0.48 22.35 -18.54
CA GLN B 75 1.61 21.54 -18.06
C GLN B 75 1.61 21.45 -16.53
N ARG B 76 0.42 21.30 -15.96
CA ARG B 76 0.25 21.39 -14.51
C ARG B 76 -0.07 20.01 -13.94
N CYS B 77 0.64 19.64 -12.88
CA CYS B 77 0.45 18.36 -12.22
C CYS B 77 -0.21 18.57 -10.87
N THR B 78 -1.33 17.89 -10.63
CA THR B 78 -2.08 18.03 -9.38
C THR B 78 -2.29 16.64 -8.80
N ASN B 79 -1.59 16.34 -7.69
CA ASN B 79 -1.64 15.00 -7.12
C ASN B 79 -2.92 14.74 -6.35
N ASN B 80 -3.50 15.76 -5.73
CA ASN B 80 -4.65 15.59 -4.85
C ASN B 80 -5.84 16.37 -5.35
N TYR B 81 -6.17 16.22 -6.64
CA TYR B 81 -7.10 17.12 -7.34
C TYR B 81 -8.50 17.07 -6.76
N PHE B 82 -9.00 15.88 -6.41
CA PHE B 82 -10.34 15.77 -5.84
C PHE B 82 -10.38 16.41 -4.45
N SER B 83 -9.35 16.17 -3.64
CA SER B 83 -9.29 16.78 -2.32
C SER B 83 -8.98 18.27 -2.39
N ALA B 84 -8.29 18.71 -3.44
CA ALA B 84 -8.07 20.14 -3.62
C ALA B 84 -9.35 20.84 -4.05
N ASN B 85 -10.22 20.13 -4.77
CA ASN B 85 -11.49 20.72 -5.20
C ASN B 85 -12.55 20.71 -4.11
N ASN B 86 -12.96 19.53 -3.67
CA ASN B 86 -14.14 19.39 -2.82
C ASN B 86 -13.85 19.47 -1.33
N GLN B 87 -12.57 19.65 -0.95
CA GLN B 87 -12.12 19.71 0.44
C GLN B 87 -12.48 18.45 1.22
N ARG B 88 -12.51 17.31 0.54
CA ARG B 88 -12.82 16.04 1.17
C ARG B 88 -12.19 14.92 0.34
N GLY B 89 -11.78 13.87 1.04
CA GLY B 89 -11.09 12.78 0.38
C GLY B 89 -12.02 11.97 -0.50
N LEU B 90 -11.40 11.20 -1.41
CA LEU B 90 -12.18 10.47 -2.40
C LEU B 90 -12.87 9.26 -1.79
N GLY B 91 -12.19 8.57 -0.88
CA GLY B 91 -12.77 7.38 -0.29
C GLY B 91 -11.73 6.30 -0.04
N ASP B 92 -12.16 5.05 -0.01
CA ASP B 92 -11.27 3.92 0.26
C ASP B 92 -11.29 2.99 -0.93
N THR B 93 -10.11 2.80 -1.55
CA THR B 93 -9.87 1.90 -2.69
C THR B 93 -10.79 2.24 -3.86
N ALA B 94 -10.55 3.42 -4.41
CA ALA B 94 -11.27 3.85 -5.61
C ALA B 94 -10.85 2.97 -6.77
N ASN B 95 -11.77 2.20 -7.32
CA ASN B 95 -11.41 1.15 -8.25
C ASN B 95 -11.45 1.57 -9.71
N ASP B 96 -12.43 2.36 -10.13
CA ASP B 96 -12.53 2.62 -11.56
C ASP B 96 -12.81 4.11 -11.79
N ILE B 97 -12.38 4.60 -12.95
CA ILE B 97 -12.65 5.97 -13.36
C ILE B 97 -13.01 5.95 -14.84
N ALA B 98 -14.01 6.74 -15.23
CA ALA B 98 -14.36 6.86 -16.63
C ALA B 98 -14.96 8.23 -16.89
N ILE B 99 -14.57 8.83 -18.01
CA ILE B 99 -15.07 10.14 -18.41
C ILE B 99 -16.17 9.94 -19.43
N TYR B 100 -17.37 10.44 -19.11
CA TYR B 100 -18.52 10.32 -20.01
C TYR B 100 -19.37 11.56 -19.90
N GLY B 101 -19.66 12.17 -21.05
CA GLY B 101 -20.63 13.24 -21.18
C GLY B 101 -20.36 14.47 -20.33
N ASN B 102 -19.10 14.92 -20.32
CA ASN B 102 -18.59 15.98 -19.45
C ASN B 102 -18.87 15.70 -17.97
N LYS B 103 -18.76 14.44 -17.55
CA LYS B 103 -18.70 14.07 -16.15
C LYS B 103 -17.62 13.02 -15.96
N ILE B 104 -17.06 12.97 -14.76
CA ILE B 104 -16.07 11.96 -14.39
C ILE B 104 -16.69 11.06 -13.33
N TYR B 105 -16.87 9.79 -13.66
CA TYR B 105 -17.49 8.80 -12.79
C TYR B 105 -16.39 7.97 -12.16
N VAL B 106 -16.30 8.01 -10.83
CA VAL B 106 -15.28 7.31 -10.06
C VAL B 106 -15.99 6.30 -9.18
N VAL B 107 -15.79 5.02 -9.46
CA VAL B 107 -16.35 3.94 -8.65
C VAL B 107 -15.35 3.62 -7.56
N VAL B 108 -15.77 3.80 -6.31
CA VAL B 108 -14.95 3.64 -5.11
C VAL B 108 -15.50 2.43 -4.36
N ASN B 109 -14.63 1.46 -4.10
CA ASN B 109 -15.07 0.12 -3.73
C ASN B 109 -15.46 0.03 -2.25
N VAL B 110 -14.49 0.23 -1.35
CA VAL B 110 -14.72 -0.02 0.06
C VAL B 110 -15.64 1.05 0.65
N SER B 111 -15.47 2.29 0.22
CA SER B 111 -16.40 3.35 0.57
C SER B 111 -17.75 3.19 -0.10
N SER B 112 -17.83 2.36 -1.15
CA SER B 112 -19.07 2.00 -1.86
C SER B 112 -19.77 3.23 -2.43
N THR B 113 -19.01 4.07 -3.11
CA THR B 113 -19.55 5.32 -3.63
C THR B 113 -19.25 5.42 -5.12
N VAL B 114 -19.99 6.31 -5.78
CA VAL B 114 -19.73 6.67 -7.17
C VAL B 114 -19.69 8.19 -7.23
N GLU B 115 -18.49 8.75 -7.28
CA GLU B 115 -18.32 10.19 -7.39
C GLU B 115 -18.52 10.60 -8.85
N VAL B 116 -19.46 11.50 -9.11
CA VAL B 116 -19.91 11.75 -10.47
C VAL B 116 -19.54 13.15 -10.90
N ILE B 117 -18.30 13.56 -10.55
CA ILE B 117 -17.92 14.96 -10.47
C ILE B 117 -17.98 15.66 -11.82
N ASP B 118 -18.29 16.95 -11.78
CA ASP B 118 -18.48 17.73 -12.99
C ASP B 118 -17.13 17.99 -13.65
N PHE B 119 -17.10 17.98 -14.97
CA PHE B 119 -15.83 18.08 -15.68
C PHE B 119 -15.23 19.49 -15.75
N PRO B 120 -15.94 20.56 -16.14
CA PRO B 120 -15.23 21.85 -16.26
C PRO B 120 -14.88 22.48 -14.93
N THR B 121 -15.67 22.24 -13.88
CA THR B 121 -15.40 22.83 -12.58
C THR B 121 -14.59 21.93 -11.66
N GLY B 122 -14.75 20.62 -11.77
CA GLY B 122 -14.07 19.70 -10.87
C GLY B 122 -14.76 19.50 -9.54
N LYS B 123 -15.88 20.17 -9.30
CA LYS B 123 -16.63 20.03 -8.06
C LYS B 123 -17.55 18.81 -8.15
N SER B 124 -17.70 18.11 -7.03
CA SER B 124 -18.60 16.97 -6.99
C SER B 124 -20.04 17.45 -6.99
N ILE B 125 -20.86 16.88 -7.87
CA ILE B 125 -22.24 17.33 -8.02
C ILE B 125 -23.25 16.48 -7.25
N ARG B 126 -23.00 15.19 -7.06
CA ARG B 126 -23.97 14.33 -6.41
C ARG B 126 -23.20 13.15 -5.83
N GLN B 127 -23.70 12.60 -4.73
CA GLN B 127 -23.09 11.46 -4.07
C GLN B 127 -24.03 10.27 -4.19
N ILE B 128 -23.63 9.27 -4.97
CA ILE B 128 -24.46 8.08 -5.15
C ILE B 128 -24.06 7.03 -4.13
N SER B 129 -25.03 6.58 -3.35
CA SER B 129 -24.81 5.57 -2.33
C SER B 129 -25.07 4.19 -2.91
N MET B 130 -24.00 3.43 -3.14
CA MET B 130 -24.10 2.06 -3.63
C MET B 130 -24.32 1.10 -2.46
N LEU B 131 -25.51 1.17 -1.90
CA LEU B 131 -25.87 0.42 -0.71
C LEU B 131 -27.05 -0.50 -1.00
N ARG B 132 -27.20 -1.52 -0.17
CA ARG B 132 -28.25 -2.51 -0.31
C ARG B 132 -29.53 -2.03 0.38
N ASP B 133 -30.47 -2.97 0.59
CA ASP B 133 -31.69 -2.66 1.32
C ASP B 133 -31.38 -2.31 2.77
N ASN B 134 -30.44 -3.03 3.38
CA ASN B 134 -29.91 -2.65 4.68
C ASN B 134 -28.75 -1.67 4.47
N GLY B 135 -27.98 -1.41 5.51
CA GLY B 135 -26.85 -0.53 5.38
C GLY B 135 -25.58 -1.17 4.88
N SER B 136 -25.64 -2.42 4.42
CA SER B 136 -24.45 -3.11 3.96
C SER B 136 -24.04 -2.62 2.57
N SER B 137 -22.73 -2.51 2.37
CA SER B 137 -22.20 -1.99 1.12
C SER B 137 -22.31 -3.01 0.00
N ARG B 138 -22.64 -2.53 -1.19
CA ARG B 138 -22.63 -3.37 -2.38
C ARG B 138 -21.22 -3.67 -2.87
N GLN B 139 -20.25 -2.84 -2.49
CA GLN B 139 -18.85 -2.83 -2.95
C GLN B 139 -18.77 -2.83 -4.48
N PRO B 140 -19.09 -1.72 -5.14
CA PRO B 140 -19.03 -1.71 -6.60
C PRO B 140 -17.60 -1.62 -7.09
N ARG B 141 -17.38 -2.11 -8.31
CA ARG B 141 -16.03 -2.16 -8.87
C ARG B 141 -15.87 -1.33 -10.14
N ALA B 142 -16.69 -1.55 -11.16
CA ALA B 142 -16.42 -0.96 -12.47
C ALA B 142 -17.70 -0.38 -13.04
N ILE B 143 -17.54 0.44 -14.07
CA ILE B 143 -18.64 1.19 -14.68
C ILE B 143 -18.51 1.12 -16.20
N ALA B 144 -19.66 1.00 -16.87
CA ALA B 144 -19.72 1.02 -18.32
C ALA B 144 -20.93 1.85 -18.75
N PHE B 145 -20.85 2.43 -19.94
CA PHE B 145 -21.84 3.39 -20.41
C PHE B 145 -22.42 2.95 -21.74
N ASP B 146 -23.73 3.12 -21.88
CA ASP B 146 -24.42 2.83 -23.14
C ASP B 146 -25.75 3.59 -23.12
N LYS B 147 -25.86 4.60 -24.00
CA LYS B 147 -27.09 5.37 -24.24
C LYS B 147 -27.59 6.01 -22.94
N ASP B 148 -26.80 7.00 -22.50
CA ASP B 148 -26.84 7.83 -21.28
C ASP B 148 -27.34 7.11 -20.04
N LYS B 149 -26.90 5.87 -19.86
CA LYS B 149 -27.07 5.11 -18.63
C LYS B 149 -25.72 4.55 -18.22
N ALA B 150 -25.39 4.69 -16.95
CA ALA B 150 -24.17 4.13 -16.38
C ALA B 150 -24.51 2.82 -15.68
N TYR B 151 -23.87 1.74 -16.11
CA TYR B 151 -24.14 0.42 -15.56
C TYR B 151 -22.95 0.02 -14.70
N ILE B 152 -23.21 -0.28 -13.44
CA ILE B 152 -22.15 -0.48 -12.45
C ILE B 152 -22.29 -1.88 -11.84
N CYS B 153 -21.22 -2.66 -11.91
CA CYS B 153 -21.21 -3.99 -11.34
C CYS B 153 -20.60 -3.99 -9.94
N SER B 154 -20.98 -4.97 -9.13
CA SER B 154 -20.56 -4.99 -7.74
C SER B 154 -20.14 -6.40 -7.31
N TYR B 155 -19.36 -6.47 -6.24
CA TYR B 155 -19.19 -7.72 -5.49
C TYR B 155 -20.44 -8.20 -4.78
N ASP B 156 -21.50 -7.38 -4.70
CA ASP B 156 -22.78 -7.92 -4.27
C ASP B 156 -23.39 -8.87 -5.30
N GLY B 157 -22.91 -8.86 -6.53
CA GLY B 157 -23.52 -9.64 -7.58
C GLY B 157 -24.60 -8.89 -8.32
N THR B 158 -24.58 -7.56 -8.25
CA THR B 158 -25.62 -6.74 -8.83
C THR B 158 -25.02 -5.75 -9.82
N VAL B 159 -25.83 -5.44 -10.83
CA VAL B 159 -25.55 -4.41 -11.81
C VAL B 159 -26.64 -3.36 -11.67
N ALA B 160 -26.22 -2.10 -11.51
CA ALA B 160 -27.14 -0.99 -11.29
C ALA B 160 -27.13 -0.05 -12.48
N ARG B 161 -28.32 0.41 -12.88
CA ARG B 161 -28.46 1.41 -13.93
C ARG B 161 -28.66 2.77 -13.29
N ILE B 162 -27.84 3.74 -13.69
CA ILE B 162 -27.88 5.10 -13.16
C ILE B 162 -28.07 6.06 -14.33
N ASP B 163 -29.06 6.94 -14.22
CA ASP B 163 -29.28 7.96 -15.23
C ASP B 163 -28.18 9.02 -15.09
N THR B 164 -27.81 9.64 -16.21
CA THR B 164 -26.80 10.68 -16.18
C THR B 164 -27.38 12.05 -15.85
N THR B 165 -28.70 12.19 -15.79
CA THR B 165 -29.33 13.47 -15.45
C THR B 165 -29.72 13.53 -13.97
N SER B 166 -30.58 12.61 -13.52
CA SER B 166 -31.04 12.65 -12.14
C SER B 166 -30.07 12.00 -11.18
N LEU B 167 -29.11 11.21 -11.70
CA LEU B 167 -28.06 10.52 -10.93
C LEU B 167 -28.65 9.60 -9.86
N GLU B 168 -29.71 8.88 -10.20
CA GLU B 168 -30.37 8.00 -9.25
C GLU B 168 -30.30 6.56 -9.75
N ILE B 169 -30.28 5.63 -8.79
CA ILE B 169 -30.26 4.21 -9.12
C ILE B 169 -31.65 3.80 -9.59
N GLU B 170 -31.77 3.46 -10.87
CA GLU B 170 -33.07 3.14 -11.44
C GLU B 170 -33.42 1.67 -11.33
N GLU B 171 -32.48 0.77 -11.63
CA GLU B 171 -32.82 -0.64 -11.62
C GLU B 171 -31.59 -1.46 -11.21
N ILE B 172 -31.85 -2.53 -10.47
CA ILE B 172 -30.84 -3.45 -9.97
C ILE B 172 -31.14 -4.82 -10.56
N VAL B 173 -30.15 -5.45 -11.18
CA VAL B 173 -30.27 -6.84 -11.61
C VAL B 173 -29.20 -7.68 -10.92
N THR B 174 -29.57 -8.91 -10.58
CA THR B 174 -28.65 -9.84 -9.97
C THR B 174 -28.02 -10.72 -11.03
N VAL B 175 -26.68 -10.67 -11.10
CA VAL B 175 -25.93 -11.46 -12.08
C VAL B 175 -25.22 -12.65 -11.43
N GLY B 176 -25.64 -13.04 -10.23
CA GLY B 176 -25.11 -14.24 -9.62
C GLY B 176 -24.05 -14.00 -8.57
N ARG B 177 -22.83 -14.48 -8.83
CA ARG B 177 -21.74 -14.36 -7.87
C ARG B 177 -21.08 -12.99 -8.00
N ASN B 178 -19.92 -12.83 -7.37
CA ASN B 178 -19.25 -11.54 -7.30
C ASN B 178 -18.73 -11.12 -8.68
N ALA B 179 -18.87 -9.83 -8.99
CA ALA B 179 -18.53 -9.29 -10.30
C ALA B 179 -17.37 -8.33 -10.16
N GLU B 180 -16.52 -8.26 -11.19
CA GLU B 180 -15.32 -7.43 -11.13
C GLU B 180 -15.25 -6.35 -12.19
N ASP B 181 -15.62 -6.62 -13.43
CA ASP B 181 -15.54 -5.59 -14.46
C ASP B 181 -16.71 -5.75 -15.41
N ILE B 182 -17.03 -4.67 -16.11
CA ILE B 182 -18.23 -4.58 -16.93
C ILE B 182 -17.87 -3.85 -18.23
N CYS B 183 -18.49 -4.25 -19.33
CA CYS B 183 -18.22 -3.62 -20.61
C CYS B 183 -19.46 -3.64 -21.49
N VAL B 184 -19.45 -2.81 -22.52
CA VAL B 184 -20.57 -2.66 -23.45
C VAL B 184 -20.13 -3.09 -24.84
N GLN B 185 -20.90 -4.01 -25.45
CA GLN B 185 -20.69 -4.35 -26.84
C GLN B 185 -21.99 -4.89 -27.42
N ASN B 186 -22.28 -4.46 -28.66
CA ASN B 186 -23.45 -4.88 -29.44
C ASN B 186 -24.76 -4.57 -28.72
N GLY B 187 -24.76 -3.46 -27.98
CA GLY B 187 -25.91 -3.11 -27.15
C GLY B 187 -26.18 -4.10 -26.03
N LYS B 188 -25.15 -4.74 -25.50
CA LYS B 188 -25.28 -5.67 -24.39
C LYS B 188 -24.14 -5.45 -23.40
N LEU B 189 -24.48 -5.56 -22.12
CA LEU B 189 -23.53 -5.49 -21.03
C LEU B 189 -22.95 -6.88 -20.79
N TYR B 190 -21.63 -6.96 -20.78
CA TYR B 190 -20.93 -8.17 -20.40
C TYR B 190 -20.28 -7.92 -19.04
N VAL B 191 -20.67 -8.72 -18.05
CA VAL B 191 -20.24 -8.56 -16.66
C VAL B 191 -19.51 -9.83 -16.25
N SER B 192 -18.25 -9.69 -15.84
CA SER B 192 -17.46 -10.85 -15.48
C SER B 192 -17.75 -11.29 -14.05
N ASN B 193 -18.56 -12.34 -13.90
CA ASN B 193 -18.88 -12.89 -12.59
C ASN B 193 -17.65 -13.63 -12.08
N SER B 194 -16.84 -12.93 -11.30
CA SER B 194 -15.61 -13.53 -10.79
C SER B 194 -15.89 -14.58 -9.73
N GLY B 195 -16.73 -14.25 -8.75
CA GLY B 195 -16.86 -15.09 -7.58
C GLY B 195 -15.58 -15.20 -6.78
N GLY B 196 -14.83 -14.11 -6.68
CA GLY B 196 -13.50 -14.13 -6.09
C GLY B 196 -13.46 -14.45 -4.62
N LEU B 197 -14.41 -13.91 -3.84
CA LEU B 197 -14.41 -14.10 -2.39
C LEU B 197 -14.76 -15.51 -1.96
N ASP B 198 -15.23 -16.35 -2.88
CA ASP B 198 -15.61 -17.72 -2.57
C ASP B 198 -14.47 -18.71 -2.81
N TYR B 199 -13.22 -18.27 -2.68
CA TYR B 199 -12.09 -19.16 -2.97
C TYR B 199 -11.93 -20.20 -1.88
N SER B 200 -12.26 -19.85 -0.64
CA SER B 200 -12.19 -20.80 0.47
C SER B 200 -13.43 -21.66 0.59
N GLY B 201 -14.46 -21.42 -0.21
CA GLY B 201 -15.69 -22.17 -0.13
C GLY B 201 -15.97 -22.95 -1.40
N PRO B 202 -16.97 -22.52 -2.16
CA PRO B 202 -17.38 -23.27 -3.36
C PRO B 202 -16.49 -23.04 -4.58
N GLY B 203 -15.38 -22.30 -4.46
CA GLY B 203 -14.54 -22.01 -5.59
C GLY B 203 -14.97 -20.74 -6.31
N VAL B 204 -14.09 -20.28 -7.20
CA VAL B 204 -14.38 -19.07 -7.95
C VAL B 204 -15.41 -19.37 -9.05
N ASP B 205 -16.14 -18.34 -9.44
CA ASP B 205 -17.14 -18.50 -10.47
C ASP B 205 -16.48 -18.57 -11.85
N THR B 206 -17.24 -19.02 -12.83
CA THR B 206 -16.74 -19.27 -14.17
C THR B 206 -17.64 -18.70 -15.26
N THR B 207 -18.24 -17.53 -15.02
CA THR B 207 -19.35 -17.06 -15.83
C THR B 207 -19.16 -15.60 -16.21
N VAL B 208 -19.59 -15.27 -17.43
CA VAL B 208 -19.78 -13.89 -17.86
C VAL B 208 -21.26 -13.69 -18.19
N SER B 209 -21.90 -12.73 -17.53
CA SER B 209 -23.31 -12.48 -17.71
C SER B 209 -23.54 -11.47 -18.83
N VAL B 210 -24.62 -11.67 -19.60
CA VAL B 210 -25.00 -10.80 -20.69
C VAL B 210 -26.33 -10.15 -20.34
N ILE B 211 -26.38 -8.83 -20.40
CA ILE B 211 -27.57 -8.06 -20.04
C ILE B 211 -27.98 -7.21 -21.23
N ASP B 212 -29.26 -7.29 -21.59
CA ASP B 212 -29.80 -6.50 -22.69
C ASP B 212 -30.06 -5.07 -22.22
N ILE B 213 -30.07 -4.12 -23.15
CA ILE B 213 -30.49 -2.76 -22.83
C ILE B 213 -32.00 -2.67 -22.68
N THR B 214 -32.75 -3.27 -23.62
CA THR B 214 -34.15 -2.93 -23.82
C THR B 214 -35.03 -3.42 -22.67
N THR B 215 -34.90 -4.68 -22.27
CA THR B 215 -35.65 -5.19 -21.14
C THR B 215 -34.84 -5.20 -19.85
N PHE B 216 -33.51 -5.22 -19.97
CA PHE B 216 -32.55 -5.13 -18.87
C PHE B 216 -32.76 -6.27 -17.86
N LYS B 217 -32.71 -7.50 -18.38
CA LYS B 217 -32.67 -8.72 -17.61
C LYS B 217 -31.41 -9.47 -18.00
N GLU B 218 -31.00 -10.43 -17.16
CA GLU B 218 -29.87 -11.29 -17.50
C GLU B 218 -30.27 -12.29 -18.57
N THR B 219 -29.78 -12.08 -19.80
CA THR B 219 -30.21 -12.86 -20.94
C THR B 219 -29.46 -14.17 -21.11
N LYS B 220 -28.14 -14.18 -20.92
CA LYS B 220 -27.37 -15.39 -21.12
C LYS B 220 -26.20 -15.40 -20.14
N LYS B 221 -25.73 -16.59 -19.81
CA LYS B 221 -24.62 -16.79 -18.91
C LYS B 221 -23.58 -17.67 -19.59
N ILE B 222 -22.42 -17.08 -19.90
CA ILE B 222 -21.40 -17.72 -20.72
C ILE B 222 -20.40 -18.41 -19.81
N GLU B 223 -20.23 -19.71 -20.00
CA GLU B 223 -19.20 -20.47 -19.31
C GLU B 223 -17.85 -20.14 -19.92
N VAL B 224 -17.03 -19.38 -19.19
CA VAL B 224 -15.83 -18.78 -19.77
C VAL B 224 -14.54 -19.36 -19.22
N GLY B 225 -14.54 -19.90 -18.00
CA GLY B 225 -13.30 -20.26 -17.33
C GLY B 225 -13.28 -19.61 -15.97
N PRO B 226 -12.52 -20.19 -15.04
CA PRO B 226 -12.61 -19.77 -13.63
C PRO B 226 -12.04 -18.37 -13.40
N ASN B 227 -12.72 -17.63 -12.52
CA ASN B 227 -12.34 -16.28 -12.11
C ASN B 227 -12.13 -15.29 -13.27
N PRO B 228 -13.18 -14.89 -13.97
CA PRO B 228 -13.00 -13.86 -15.00
C PRO B 228 -12.89 -12.48 -14.39
N GLY B 229 -11.93 -11.70 -14.88
CA GLY B 229 -11.63 -10.41 -14.29
C GLY B 229 -11.92 -9.23 -15.19
N LYS B 230 -10.86 -8.60 -15.69
CA LYS B 230 -10.98 -7.46 -16.59
C LYS B 230 -11.64 -7.88 -17.90
N ILE B 231 -12.59 -7.08 -18.37
CA ILE B 231 -13.32 -7.37 -19.59
C ILE B 231 -13.41 -6.08 -20.41
N LEU B 232 -13.23 -6.20 -21.72
CA LEU B 232 -13.17 -5.05 -22.61
C LEU B 232 -13.72 -5.40 -23.97
N PRO B 233 -14.45 -4.50 -24.61
CA PRO B 233 -14.83 -4.71 -26.00
C PRO B 233 -13.66 -4.42 -26.92
N GLY B 234 -13.74 -4.93 -28.15
CA GLY B 234 -12.72 -4.66 -29.12
C GLY B 234 -13.36 -4.36 -30.47
N LEU B 235 -12.52 -4.33 -31.50
CA LEU B 235 -13.05 -4.24 -32.85
C LEU B 235 -13.50 -5.62 -33.32
N GLU B 236 -13.95 -5.66 -34.60
CA GLU B 236 -14.63 -6.79 -35.27
C GLU B 236 -15.73 -7.43 -34.42
N GLU B 237 -16.37 -6.61 -33.58
CA GLU B 237 -17.57 -6.92 -32.79
C GLU B 237 -17.35 -8.14 -31.89
N ALA B 238 -16.43 -7.97 -30.94
CA ALA B 238 -16.04 -9.05 -30.05
C ALA B 238 -15.70 -8.50 -28.67
N VAL B 239 -15.73 -9.39 -27.68
CA VAL B 239 -15.49 -9.06 -26.28
C VAL B 239 -14.34 -9.91 -25.77
N TYR B 240 -13.30 -9.27 -25.25
CA TYR B 240 -12.14 -9.98 -24.73
C TYR B 240 -12.14 -9.89 -23.22
N VAL B 241 -12.02 -11.05 -22.56
CA VAL B 241 -12.07 -11.14 -21.11
C VAL B 241 -10.89 -11.97 -20.63
N VAL B 242 -10.30 -11.56 -19.52
CA VAL B 242 -9.22 -12.34 -18.94
C VAL B 242 -9.79 -13.24 -17.85
N THR B 243 -9.44 -14.53 -17.93
CA THR B 243 -9.85 -15.51 -16.94
C THR B 243 -8.62 -15.96 -16.18
N ARG B 244 -8.72 -15.96 -14.86
CA ARG B 244 -7.61 -16.36 -14.00
C ARG B 244 -7.69 -17.87 -13.77
N GLY B 245 -6.97 -18.38 -12.78
CA GLY B 245 -7.11 -19.77 -12.40
C GLY B 245 -8.08 -19.94 -11.26
N THR B 246 -8.27 -21.21 -10.86
CA THR B 246 -8.90 -21.48 -9.58
C THR B 246 -8.06 -20.95 -8.43
N ASP B 247 -6.74 -21.07 -8.54
CA ASP B 247 -5.78 -20.36 -7.72
C ASP B 247 -5.15 -19.25 -8.55
N ILE B 248 -5.10 -18.04 -7.99
CA ILE B 248 -4.55 -16.90 -8.72
C ILE B 248 -3.04 -17.06 -8.87
N GLU B 249 -2.36 -17.57 -7.84
CA GLU B 249 -0.92 -17.77 -7.89
C GLU B 249 -0.51 -18.95 -8.78
N ALA B 250 -1.47 -19.79 -9.19
CA ALA B 250 -1.16 -20.95 -10.00
C ALA B 250 -0.74 -20.60 -11.43
N GLY B 251 -1.02 -19.39 -11.89
CA GLY B 251 -0.68 -19.00 -13.24
C GLY B 251 -1.45 -19.72 -14.32
N ASP B 252 -2.76 -19.88 -14.14
CA ASP B 252 -3.63 -20.52 -15.11
C ASP B 252 -4.44 -19.47 -15.88
N TYR B 253 -3.79 -18.36 -16.22
CA TYR B 253 -4.46 -17.26 -16.90
C TYR B 253 -4.69 -17.58 -18.36
N HIS B 254 -5.84 -17.16 -18.88
CA HIS B 254 -6.16 -17.26 -20.29
C HIS B 254 -6.90 -16.00 -20.72
N LEU B 255 -6.92 -15.77 -22.03
CA LEU B 255 -7.66 -14.65 -22.60
C LEU B 255 -8.72 -15.21 -23.54
N VAL B 256 -9.97 -14.81 -23.34
CA VAL B 256 -11.09 -15.39 -24.05
C VAL B 256 -11.70 -14.34 -24.97
N LYS B 257 -11.75 -14.66 -26.27
CA LYS B 257 -12.51 -13.91 -27.25
C LYS B 257 -13.91 -14.49 -27.36
N ILE B 258 -14.90 -13.65 -27.05
CA ILE B 258 -16.32 -14.00 -27.09
C ILE B 258 -16.95 -13.26 -28.25
N ASP B 259 -17.58 -14.00 -29.15
CA ASP B 259 -18.31 -13.41 -30.27
C ASP B 259 -19.63 -12.86 -29.74
N SER B 260 -19.88 -11.57 -29.99
CA SER B 260 -21.09 -10.96 -29.46
C SER B 260 -22.33 -11.28 -30.28
N ARG B 261 -22.19 -11.91 -31.45
CA ARG B 261 -23.36 -12.33 -32.20
C ARG B 261 -24.09 -13.47 -31.50
N THR B 262 -23.35 -14.48 -31.05
CA THR B 262 -23.93 -15.68 -30.46
C THR B 262 -23.80 -15.73 -28.95
N ASP B 263 -23.02 -14.83 -28.35
CA ASP B 263 -22.71 -14.79 -26.92
C ASP B 263 -22.14 -16.13 -26.43
N ALA B 264 -21.14 -16.61 -27.17
CA ALA B 264 -20.48 -17.87 -26.85
C ALA B 264 -18.98 -17.68 -26.89
N VAL B 265 -18.27 -18.56 -26.19
CA VAL B 265 -16.81 -18.54 -26.22
C VAL B 265 -16.33 -18.95 -27.60
N ALA B 266 -15.70 -18.01 -28.30
CA ALA B 266 -15.17 -18.32 -29.62
C ALA B 266 -13.75 -18.86 -29.54
N ILE B 267 -12.81 -18.08 -29.01
CA ILE B 267 -11.41 -18.48 -29.00
C ILE B 267 -10.87 -18.36 -27.58
N THR B 268 -10.10 -19.35 -27.14
CA THR B 268 -9.43 -19.31 -25.85
C THR B 268 -7.92 -19.30 -26.08
N TYR B 269 -7.28 -18.15 -25.85
CA TYR B 269 -5.84 -17.99 -25.96
C TYR B 269 -5.19 -18.37 -24.64
N ASP B 270 -4.16 -19.21 -24.72
CA ASP B 270 -3.52 -19.79 -23.54
C ASP B 270 -2.42 -18.90 -22.96
N GLU B 271 -2.19 -17.72 -23.50
CA GLU B 271 -1.14 -16.84 -22.98
C GLU B 271 -1.57 -16.21 -21.67
N LYS B 272 -0.61 -16.07 -20.75
CA LYS B 272 -0.92 -15.57 -19.41
C LYS B 272 -1.18 -14.07 -19.45
N VAL B 273 -2.32 -13.66 -18.92
CA VAL B 273 -2.76 -12.26 -18.92
C VAL B 273 -3.23 -11.91 -17.52
N LEU B 274 -2.85 -10.74 -17.03
CA LEU B 274 -3.58 -10.12 -15.94
C LEU B 274 -4.56 -9.06 -16.43
N SER B 275 -4.08 -8.09 -17.22
CA SER B 275 -4.98 -7.24 -17.97
C SER B 275 -4.29 -6.83 -19.26
N PHE B 276 -4.97 -5.97 -20.01
CA PHE B 276 -4.69 -5.75 -21.42
C PHE B 276 -5.38 -4.48 -21.88
N ALA B 277 -4.88 -3.95 -22.98
CA ALA B 277 -5.44 -2.77 -23.62
C ALA B 277 -5.40 -2.96 -25.14
N ILE B 278 -6.50 -2.64 -25.81
CA ILE B 278 -6.75 -3.08 -27.17
C ILE B 278 -6.84 -1.88 -28.09
N ASP B 279 -6.09 -1.91 -29.20
CA ASP B 279 -6.36 -1.04 -30.34
C ASP B 279 -6.19 -1.81 -31.64
N GLY B 280 -7.07 -1.55 -32.60
CA GLY B 280 -7.07 -2.25 -33.86
C GLY B 280 -7.27 -3.74 -33.68
N PRO B 281 -6.38 -4.53 -34.27
CA PRO B 281 -6.37 -5.97 -33.99
C PRO B 281 -5.39 -6.40 -32.91
N ILE B 282 -4.69 -5.49 -32.25
CA ILE B 282 -3.61 -5.87 -31.33
C ILE B 282 -3.93 -5.43 -29.91
N ALA B 283 -3.34 -6.12 -28.96
CA ALA B 283 -3.59 -5.92 -27.55
C ALA B 283 -2.29 -6.00 -26.77
N TYR B 284 -2.06 -5.02 -25.92
CA TYR B 284 -0.88 -4.96 -25.06
C TYR B 284 -1.29 -5.49 -23.71
N LEU B 285 -0.70 -6.62 -23.30
CA LEU B 285 -1.17 -7.35 -22.12
C LEU B 285 -0.01 -7.64 -21.20
N TYR B 286 -0.24 -7.56 -19.89
CA TYR B 286 0.83 -7.88 -18.95
C TYR B 286 0.45 -9.10 -18.12
N THR B 287 1.45 -9.94 -17.86
CA THR B 287 1.34 -11.03 -16.89
C THR B 287 2.27 -10.74 -15.72
N TYR B 288 1.89 -11.27 -14.56
CA TYR B 288 2.57 -10.99 -13.30
C TYR B 288 2.35 -12.16 -12.35
N ASP B 289 3.34 -13.03 -12.25
CA ASP B 289 3.31 -14.13 -11.29
C ASP B 289 3.54 -13.59 -9.88
N TYR B 290 3.13 -14.39 -8.90
CA TYR B 290 3.22 -13.97 -7.51
C TYR B 290 4.24 -14.77 -6.70
N GLN B 291 4.72 -15.90 -7.20
CA GLN B 291 5.78 -16.63 -6.53
C GLN B 291 7.15 -16.03 -6.82
N THR B 292 7.53 -15.99 -8.08
CA THR B 292 8.82 -15.44 -8.48
C THR B 292 8.79 -13.93 -8.69
N LYS B 293 7.60 -13.31 -8.59
CA LYS B 293 7.35 -11.89 -8.83
C LYS B 293 7.81 -11.44 -10.21
N ASP B 294 7.72 -12.31 -11.21
CA ASP B 294 8.16 -11.99 -12.55
C ASP B 294 7.03 -11.33 -13.33
N SER B 295 7.33 -10.19 -13.93
CA SER B 295 6.36 -9.44 -14.70
C SER B 295 6.83 -9.32 -16.14
N ALA B 296 5.91 -9.53 -17.07
CA ALA B 296 6.22 -9.37 -18.48
C ALA B 296 5.06 -8.64 -19.14
N ILE B 297 5.37 -7.80 -20.12
CA ILE B 297 4.37 -7.11 -20.90
C ILE B 297 4.59 -7.49 -22.36
N LYS B 298 3.60 -8.13 -22.97
CA LYS B 298 3.70 -8.61 -24.33
C LYS B 298 2.76 -7.85 -25.25
N VAL B 299 3.06 -7.90 -26.54
CA VAL B 299 2.16 -7.44 -27.58
C VAL B 299 1.56 -8.67 -28.24
N PHE B 300 0.25 -8.69 -28.41
CA PHE B 300 -0.48 -9.87 -28.85
C PHE B 300 -1.37 -9.50 -30.02
N ASP B 301 -1.49 -10.42 -30.97
CA ASP B 301 -2.36 -10.23 -32.12
C ASP B 301 -3.66 -10.95 -31.83
N LEU B 302 -4.76 -10.21 -31.77
CA LEU B 302 -6.05 -10.81 -31.43
C LEU B 302 -6.67 -11.54 -32.60
N ASN B 303 -6.17 -11.33 -33.82
CA ASN B 303 -6.67 -12.05 -34.98
C ASN B 303 -5.84 -13.29 -35.27
N ALA B 304 -4.51 -13.16 -35.32
CA ALA B 304 -3.65 -14.32 -35.57
C ALA B 304 -3.57 -15.23 -34.35
N GLY B 305 -3.74 -14.68 -33.16
CA GLY B 305 -3.72 -15.49 -31.96
C GLY B 305 -2.35 -15.80 -31.42
N THR B 306 -1.31 -15.11 -31.90
CA THR B 306 0.05 -15.36 -31.46
C THR B 306 0.62 -14.09 -30.85
N VAL B 307 1.56 -14.28 -29.91
CA VAL B 307 2.31 -13.14 -29.39
C VAL B 307 3.22 -12.62 -30.49
N ILE B 308 3.50 -11.32 -30.44
CA ILE B 308 4.36 -10.70 -31.44
C ILE B 308 5.69 -10.26 -30.83
N ARG B 309 5.67 -9.51 -29.75
CA ARG B 309 6.85 -9.20 -28.96
C ARG B 309 6.63 -9.70 -27.54
N ASP B 310 7.56 -10.55 -27.08
CA ASP B 310 7.50 -11.08 -25.72
C ASP B 310 7.85 -10.04 -24.68
N ASN B 311 8.53 -8.96 -25.07
CA ASN B 311 8.71 -7.79 -24.22
C ASN B 311 8.20 -6.55 -24.95
N PHE B 312 7.25 -5.86 -24.33
CA PHE B 312 6.72 -4.64 -24.93
C PHE B 312 7.70 -3.49 -24.76
N ILE B 313 8.41 -3.46 -23.64
CA ILE B 313 9.34 -2.37 -23.34
C ILE B 313 10.67 -2.66 -24.02
N THR B 314 10.81 -2.23 -25.27
CA THR B 314 12.04 -2.47 -26.04
C THR B 314 12.96 -1.26 -26.03
N ASP B 315 13.33 -0.76 -24.85
CA ASP B 315 14.41 0.21 -24.76
C ASP B 315 15.29 0.02 -23.53
N GLY B 316 15.08 -1.05 -22.76
CA GLY B 316 15.83 -1.26 -21.55
C GLY B 316 15.28 -0.60 -20.31
N THR B 317 14.09 -0.02 -20.38
CA THR B 317 13.46 0.57 -19.20
C THR B 317 12.97 -0.55 -18.29
N ALA B 318 13.44 -0.54 -17.04
CA ALA B 318 13.10 -1.59 -16.10
C ALA B 318 11.66 -1.44 -15.63
N ILE B 319 10.96 -2.57 -15.56
CA ILE B 319 9.61 -2.63 -15.03
C ILE B 319 9.65 -3.60 -13.85
N GLN B 320 8.96 -3.25 -12.75
CA GLN B 320 8.96 -4.10 -11.57
C GLN B 320 7.58 -4.62 -11.23
N THR B 321 6.60 -3.74 -11.06
CA THR B 321 5.24 -4.15 -10.73
C THR B 321 4.25 -3.31 -11.54
N PRO B 322 3.92 -3.73 -12.75
CA PRO B 322 2.83 -3.08 -13.47
C PRO B 322 1.50 -3.38 -12.81
N PHE B 323 0.79 -2.33 -12.43
CA PHE B 323 -0.48 -2.46 -11.74
C PHE B 323 -1.65 -2.58 -12.69
N SER B 324 -1.70 -1.74 -13.72
CA SER B 324 -2.70 -1.88 -14.78
C SER B 324 -2.14 -1.23 -16.03
N ILE B 325 -2.70 -1.62 -17.17
CA ILE B 325 -2.28 -1.09 -18.46
C ILE B 325 -3.49 -0.47 -19.15
N GLN B 326 -3.30 0.73 -19.68
CA GLN B 326 -4.35 1.44 -20.38
C GLN B 326 -3.85 1.85 -21.75
N LEU B 327 -4.77 2.30 -22.58
CA LEU B 327 -4.46 2.75 -23.92
C LEU B 327 -5.12 4.11 -24.15
N ASN B 328 -4.36 5.05 -24.70
CA ASN B 328 -4.93 6.34 -25.02
C ASN B 328 -5.79 6.20 -26.27
N PRO B 329 -7.09 6.52 -26.21
CA PRO B 329 -7.98 6.27 -27.35
C PRO B 329 -7.74 7.19 -28.53
N PHE B 330 -7.04 8.30 -28.35
CA PHE B 330 -6.85 9.25 -29.44
C PHE B 330 -5.45 9.84 -29.49
N SER B 331 -4.44 9.13 -28.96
CA SER B 331 -3.05 9.44 -29.27
C SER B 331 -2.19 8.21 -29.55
N GLY B 332 -2.66 7.01 -29.23
CA GLY B 332 -1.96 5.78 -29.54
C GLY B 332 -0.95 5.33 -28.50
N ASN B 333 -0.68 6.13 -27.48
CA ASN B 333 0.32 5.77 -26.49
C ASN B 333 -0.23 4.76 -25.49
N ILE B 334 0.68 4.08 -24.80
CA ILE B 334 0.35 3.03 -23.84
C ILE B 334 0.76 3.48 -22.45
N TYR B 335 -0.18 3.48 -21.52
CA TYR B 335 0.08 3.99 -20.18
C TYR B 335 0.07 2.84 -19.18
N ILE B 336 1.24 2.52 -18.65
CA ILE B 336 1.41 1.45 -17.69
C ILE B 336 1.75 2.06 -16.34
N THR B 337 0.98 1.73 -15.32
CA THR B 337 1.22 2.28 -14.00
C THR B 337 2.07 1.33 -13.17
N GLU B 338 2.87 1.89 -12.28
CA GLU B 338 3.75 1.15 -11.40
C GLU B 338 3.26 1.28 -9.97
N ALA B 339 3.17 0.14 -9.27
CA ALA B 339 2.76 0.14 -7.87
C ALA B 339 3.84 -0.34 -6.92
N TYR B 340 4.95 -0.88 -7.45
CA TYR B 340 6.10 -1.37 -6.70
C TYR B 340 5.77 -2.42 -5.65
N ASN B 341 5.92 -2.08 -4.38
CA ASN B 341 5.67 -2.98 -3.27
C ASN B 341 4.27 -2.81 -2.73
N TYR B 342 3.41 -2.07 -3.44
CA TYR B 342 2.08 -1.62 -3.05
C TYR B 342 2.08 -0.84 -1.75
N THR B 343 3.19 -0.20 -1.41
CA THR B 343 3.34 0.60 -0.20
C THR B 343 3.89 1.99 -0.50
N VAL B 344 4.84 2.11 -1.40
CA VAL B 344 5.35 3.39 -1.83
C VAL B 344 4.50 3.90 -2.98
N LYS B 345 4.65 5.19 -3.30
CA LYS B 345 3.85 5.80 -4.34
C LYS B 345 4.31 5.33 -5.72
N GLY B 346 3.34 5.01 -6.59
CA GLY B 346 3.66 4.42 -7.87
C GLY B 346 3.97 5.44 -8.95
N ASP B 347 4.26 4.93 -10.14
CA ASP B 347 4.60 5.72 -11.31
C ASP B 347 3.49 5.61 -12.35
N VAL B 348 3.53 6.50 -13.33
CA VAL B 348 2.78 6.34 -14.57
C VAL B 348 3.73 6.49 -15.74
N LEU B 349 3.95 5.41 -16.48
CA LEU B 349 4.89 5.39 -17.58
C LEU B 349 4.13 5.45 -18.89
N CYS B 350 4.52 6.35 -19.78
CA CYS B 350 3.94 6.47 -21.11
C CYS B 350 4.92 5.91 -22.13
N PHE B 351 4.45 4.95 -22.91
CA PHE B 351 5.24 4.36 -23.99
C PHE B 351 4.58 4.66 -25.32
N ASN B 352 5.38 4.65 -26.38
CA ASN B 352 4.81 4.75 -27.71
C ASN B 352 4.33 3.38 -28.19
N GLN B 353 3.95 3.32 -29.48
CA GLN B 353 3.54 2.04 -30.05
C GLN B 353 4.71 1.08 -30.18
N GLN B 354 5.92 1.62 -30.38
CA GLN B 354 7.11 0.80 -30.54
C GLN B 354 7.70 0.34 -29.21
N GLY B 355 7.28 0.93 -28.10
CA GLY B 355 7.75 0.50 -26.80
C GLY B 355 8.81 1.36 -26.16
N GLN B 356 9.23 2.44 -26.82
CA GLN B 356 10.17 3.39 -26.22
C GLN B 356 9.42 4.24 -25.21
N LEU B 357 10.08 4.54 -24.09
CA LEU B 357 9.47 5.37 -23.06
C LEU B 357 9.41 6.82 -23.52
N GLN B 358 8.23 7.42 -23.41
CA GLN B 358 8.09 8.85 -23.67
C GLN B 358 8.37 9.68 -22.43
N TYR B 359 7.64 9.42 -21.35
CA TYR B 359 7.86 10.08 -20.08
C TYR B 359 7.34 9.17 -18.97
N ARG B 360 7.57 9.58 -17.74
CA ARG B 360 6.97 8.92 -16.59
C ARG B 360 6.74 9.95 -15.50
N LEU B 361 5.55 9.90 -14.91
CA LEU B 361 5.21 10.72 -13.76
C LEU B 361 5.56 9.94 -12.51
N ASN B 362 6.37 10.55 -11.64
CA ASN B 362 6.89 9.87 -10.48
C ASN B 362 6.12 10.29 -9.24
N ASP B 363 5.80 9.30 -8.39
CA ASP B 363 5.10 9.49 -7.12
C ASP B 363 3.76 10.19 -7.29
N ILE B 364 2.99 9.75 -8.28
CA ILE B 364 1.76 10.45 -8.64
C ILE B 364 0.64 10.10 -7.66
N GLY B 365 0.79 9.01 -6.93
CA GLY B 365 -0.26 8.58 -6.03
C GLY B 365 0.04 7.20 -5.52
N LEU B 366 -0.73 6.80 -4.52
CA LEU B 366 -0.51 5.52 -3.88
C LEU B 366 -1.32 4.45 -4.59
N ASN B 367 -0.62 3.50 -5.23
CA ASN B 367 -1.14 2.47 -6.13
C ASN B 367 -2.00 3.05 -7.24
N PRO B 368 -1.40 3.70 -8.26
CA PRO B 368 -2.20 4.26 -9.35
C PRO B 368 -2.90 3.19 -10.17
N ASN B 369 -4.22 3.20 -10.17
CA ASN B 369 -4.99 2.13 -10.76
C ASN B 369 -5.36 2.39 -12.21
N THR B 370 -6.03 3.50 -12.50
CA THR B 370 -6.60 3.63 -13.83
C THR B 370 -6.35 5.01 -14.40
N VAL B 371 -5.83 5.07 -15.62
CA VAL B 371 -5.53 6.33 -16.30
C VAL B 371 -6.56 6.53 -17.41
N VAL B 372 -7.29 7.65 -17.33
CA VAL B 372 -8.23 8.04 -18.36
C VAL B 372 -7.80 9.37 -18.94
N PHE B 373 -8.36 9.70 -20.11
CA PHE B 373 -7.87 10.80 -20.92
C PHE B 373 -9.03 11.63 -21.43
N SER B 374 -8.75 12.89 -21.75
CA SER B 374 -9.76 13.76 -22.33
C SER B 374 -9.11 14.82 -23.20
N ASP B 375 -9.94 15.45 -24.03
CA ASP B 375 -9.48 16.50 -24.92
C ASP B 375 -10.25 17.81 -24.75
N LYS B 376 -11.24 17.85 -23.86
CA LYS B 376 -12.07 19.03 -23.70
C LYS B 376 -11.56 19.99 -22.64
N ALA B 377 -10.57 19.56 -21.83
CA ALA B 377 -9.92 20.33 -20.76
C ALA B 377 -10.88 20.85 -19.70
N SER B 378 -10.36 21.65 -18.77
CA SER B 378 -11.18 22.25 -17.73
C SER B 378 -10.53 23.57 -17.29
N GLN B 379 -11.37 24.46 -16.77
CA GLN B 379 -10.99 25.81 -16.32
C GLN B 379 -10.28 26.63 -17.40
N ASP B 388 -9.06 28.20 -31.35
CA ASP B 388 -9.77 28.93 -32.40
C ASP B 388 -9.03 28.84 -33.73
N PRO B 389 -9.69 28.30 -34.75
CA PRO B 389 -9.05 28.18 -36.07
C PRO B 389 -8.82 29.50 -36.76
N ASN B 390 -9.63 30.52 -36.48
CA ASN B 390 -9.43 31.84 -37.07
C ASN B 390 -8.20 32.53 -36.52
N ALA B 391 -7.86 32.25 -35.25
CA ALA B 391 -6.63 32.79 -34.69
C ALA B 391 -5.43 32.10 -35.31
N PRO B 392 -4.29 32.81 -35.47
CA PRO B 392 -3.09 32.18 -36.02
C PRO B 392 -2.52 31.09 -35.13
N SER B 393 -2.29 31.43 -33.86
CA SER B 393 -1.82 30.55 -32.79
C SER B 393 -0.45 29.93 -33.03
N ALA B 394 0.29 30.40 -34.05
CA ALA B 394 1.67 30.03 -34.35
C ALA B 394 1.86 28.53 -34.57
N PHE B 395 0.85 27.86 -35.12
CA PHE B 395 0.92 26.39 -35.24
C PHE B 395 0.33 25.90 -36.56
N ALA B 396 0.50 26.68 -37.65
CA ALA B 396 0.07 26.40 -39.02
C ALA B 396 -1.44 26.30 -39.19
N ASN B 397 -1.90 26.27 -40.44
CA ASN B 397 -3.34 26.34 -40.68
C ASN B 397 -3.91 25.15 -41.45
N LYS B 398 -3.31 24.75 -42.58
CA LYS B 398 -3.96 23.84 -43.50
C LYS B 398 -2.96 23.23 -44.46
N VAL B 399 -3.07 21.92 -44.64
CA VAL B 399 -2.23 21.15 -45.57
C VAL B 399 -2.75 21.38 -46.98
N PHE B 400 -1.83 21.62 -47.92
CA PHE B 400 -2.20 21.80 -49.32
C PHE B 400 -2.04 20.54 -50.15
N GLU B 401 -0.91 19.84 -50.03
CA GLU B 401 -0.64 18.64 -50.80
C GLU B 401 -0.25 17.53 -49.85
N TYR B 402 -0.76 16.33 -50.07
CA TYR B 402 -0.43 15.18 -49.23
C TYR B 402 -0.46 13.92 -50.08
N ILE B 403 0.71 13.46 -50.51
CA ILE B 403 0.78 12.21 -51.25
C ILE B 403 1.85 11.31 -50.61
N PRO B 404 1.46 10.42 -49.70
CA PRO B 404 2.44 9.59 -49.01
C PRO B 404 2.74 8.31 -49.78
N ALA B 405 3.95 7.80 -49.53
CA ALA B 405 4.34 6.51 -50.04
C ALA B 405 3.64 5.41 -49.24
N PRO B 406 3.53 4.20 -49.80
CA PRO B 406 3.01 3.08 -49.00
C PRO B 406 3.89 2.77 -47.81
N GLY B 407 3.24 2.40 -46.70
CA GLY B 407 3.93 2.17 -45.46
C GLY B 407 3.01 1.51 -44.46
N GLN B 408 3.51 1.36 -43.25
CA GLN B 408 2.75 0.65 -42.22
C GLN B 408 1.62 1.49 -41.64
N PHE B 409 1.72 2.81 -41.71
CA PHE B 409 0.70 3.68 -41.11
C PHE B 409 -0.34 4.16 -42.12
N ILE B 410 -0.19 3.82 -43.38
CA ILE B 410 -1.10 4.29 -44.42
C ILE B 410 -2.42 3.51 -44.31
N ASN B 411 -3.51 4.17 -44.73
CA ASN B 411 -4.88 3.65 -44.69
C ASN B 411 -5.33 3.35 -43.25
N THR B 412 -4.83 4.13 -42.30
CA THR B 412 -5.28 4.07 -40.92
C THR B 412 -5.70 5.48 -40.49
N THR B 413 -5.98 5.61 -39.19
CA THR B 413 -6.42 6.90 -38.67
C THR B 413 -5.29 7.92 -38.59
N THR B 414 -4.05 7.45 -38.52
CA THR B 414 -2.91 8.38 -38.45
C THR B 414 -2.45 8.81 -39.83
N SER B 415 -3.05 8.28 -40.89
CA SER B 415 -2.78 8.71 -42.26
C SER B 415 -3.87 9.60 -42.82
N ALA B 416 -4.77 10.10 -41.96
CA ALA B 416 -5.92 10.93 -42.31
C ALA B 416 -6.83 10.24 -43.33
N TYR B 417 -7.02 8.93 -43.19
CA TYR B 417 -7.87 8.15 -44.07
C TYR B 417 -8.87 7.35 -43.27
N GLU B 418 -10.11 7.31 -43.75
CA GLU B 418 -11.10 6.36 -43.30
C GLU B 418 -11.74 5.71 -44.52
N ASP B 419 -12.57 4.70 -44.28
CA ASP B 419 -13.03 3.84 -45.36
C ASP B 419 -14.01 4.55 -46.28
N GLY B 420 -13.74 4.50 -47.58
CA GLY B 420 -14.65 4.97 -48.59
C GLY B 420 -14.64 6.46 -48.86
N PHE B 421 -13.56 7.17 -48.53
CA PHE B 421 -13.46 8.61 -48.73
C PHE B 421 -12.43 8.95 -49.79
N SER B 422 -12.70 10.01 -50.55
CA SER B 422 -11.86 10.39 -51.67
C SER B 422 -10.67 11.22 -51.20
N ALA B 423 -9.88 11.69 -52.18
CA ALA B 423 -8.59 12.33 -51.89
C ALA B 423 -8.77 13.69 -51.24
N GLY B 424 -9.76 14.46 -51.68
CA GLY B 424 -10.02 15.75 -51.03
C GLY B 424 -10.50 15.58 -49.60
N GLN B 425 -11.24 14.49 -49.33
CA GLN B 425 -11.61 14.16 -47.97
C GLN B 425 -10.38 13.81 -47.13
N VAL B 426 -9.40 13.14 -47.72
CA VAL B 426 -8.12 12.87 -47.04
C VAL B 426 -7.39 14.17 -46.74
N LEU B 427 -7.42 15.12 -47.68
CA LEU B 427 -6.78 16.42 -47.46
C LEU B 427 -7.45 17.21 -46.33
N GLU B 428 -8.79 17.22 -46.29
CA GLU B 428 -9.44 18.01 -45.25
C GLU B 428 -9.37 17.30 -43.89
N HIS B 429 -9.32 15.97 -43.88
CA HIS B 429 -8.99 15.26 -42.64
C HIS B 429 -7.55 15.53 -42.21
N ALA B 430 -6.63 15.72 -43.15
CA ALA B 430 -5.26 16.07 -42.80
C ALA B 430 -5.20 17.47 -42.17
N THR B 431 -5.99 18.40 -42.70
CA THR B 431 -6.06 19.73 -42.09
C THR B 431 -6.69 19.66 -40.70
N GLU B 432 -7.70 18.80 -40.53
CA GLU B 432 -8.35 18.64 -39.23
C GLU B 432 -7.40 18.00 -38.22
N LYS B 433 -6.59 17.04 -38.66
CA LYS B 433 -5.62 16.41 -37.76
C LYS B 433 -4.49 17.36 -37.42
N LEU B 434 -4.11 18.23 -38.36
CA LEU B 434 -3.10 19.25 -38.08
C LEU B 434 -3.64 20.29 -37.10
N LYS B 435 -4.95 20.58 -37.19
CA LYS B 435 -5.57 21.53 -36.27
C LYS B 435 -5.61 20.98 -34.85
N LYS B 436 -5.92 19.69 -34.69
CA LYS B 436 -5.99 19.05 -33.38
C LYS B 436 -4.65 18.50 -32.91
N LYS B 437 -3.54 18.93 -33.54
CA LYS B 437 -2.16 18.59 -33.15
C LYS B 437 -1.90 17.09 -33.23
N SER B 438 -2.62 16.41 -34.12
CA SER B 438 -2.47 14.96 -34.27
C SER B 438 -1.34 14.64 -35.23
N VAL B 439 -0.70 13.50 -35.02
CA VAL B 439 0.43 13.11 -35.84
C VAL B 439 -0.07 12.61 -37.20
N ILE B 440 0.64 12.97 -38.26
CA ILE B 440 0.36 12.51 -39.61
C ILE B 440 1.60 11.82 -40.14
N SER B 441 1.41 10.68 -40.80
CA SER B 441 2.54 9.91 -41.30
C SER B 441 2.74 10.14 -42.80
N LEU B 442 3.92 9.77 -43.27
CA LEU B 442 4.27 9.94 -44.68
C LEU B 442 4.61 8.63 -45.37
N GLY B 443 4.58 7.50 -44.68
CA GLY B 443 4.85 6.23 -45.32
C GLY B 443 6.32 6.03 -45.63
N GLY B 444 6.58 5.33 -46.74
CA GLY B 444 7.92 5.00 -47.13
C GLY B 444 8.66 6.19 -47.76
N PHE B 445 9.64 5.85 -48.59
CA PHE B 445 10.49 6.87 -49.18
C PHE B 445 9.73 7.69 -50.23
N GLY B 446 9.98 9.00 -50.22
CA GLY B 446 9.48 9.88 -51.24
C GLY B 446 8.12 10.48 -50.99
N GLY B 447 7.34 9.92 -50.07
CA GLY B 447 6.02 10.44 -49.74
C GLY B 447 6.10 11.82 -49.12
N THR B 448 5.35 12.77 -49.67
CA THR B 448 5.56 14.17 -49.34
C THR B 448 4.29 14.85 -48.87
N ILE B 449 4.49 15.89 -48.08
CA ILE B 449 3.43 16.73 -47.54
C ILE B 449 3.84 18.19 -47.70
N THR B 450 2.87 19.05 -47.95
CA THR B 450 3.11 20.48 -48.17
C THR B 450 2.17 21.27 -47.27
N VAL B 451 2.73 22.19 -46.49
CA VAL B 451 2.00 22.89 -45.45
C VAL B 451 2.31 24.39 -45.54
N GLY B 452 1.29 25.19 -45.19
CA GLY B 452 1.44 26.63 -45.10
C GLY B 452 1.08 27.10 -43.71
N PHE B 453 1.00 28.42 -43.57
CA PHE B 453 0.73 29.06 -42.30
C PHE B 453 -0.29 30.18 -42.49
N HIS B 454 -0.72 30.76 -41.37
CA HIS B 454 -1.61 31.93 -41.44
C HIS B 454 -0.89 33.13 -42.02
N GLN B 455 0.36 33.34 -41.62
CA GLN B 455 1.13 34.50 -42.05
C GLN B 455 2.53 34.07 -42.45
N SER B 456 3.18 34.92 -43.26
CA SER B 456 4.53 34.62 -43.71
C SER B 456 5.53 34.73 -42.57
N ILE B 457 6.42 33.76 -42.48
CA ILE B 457 7.46 33.76 -41.45
C ILE B 457 8.59 34.65 -41.93
N ARG B 458 8.94 35.66 -41.13
CA ARG B 458 10.03 36.54 -41.49
C ARG B 458 11.37 35.83 -41.31
N ASN B 459 12.37 36.29 -42.06
CA ASN B 459 13.69 35.67 -42.01
C ASN B 459 14.47 36.24 -40.83
N SER B 460 14.86 35.36 -39.91
CA SER B 460 15.69 35.74 -38.77
C SER B 460 17.13 35.34 -39.08
N LYS B 461 18.01 36.34 -39.16
CA LYS B 461 19.40 36.11 -39.56
C LYS B 461 20.24 35.79 -38.33
N GLY B 462 21.03 34.73 -38.42
CA GLY B 462 21.90 34.32 -37.35
C GLY B 462 21.34 33.27 -36.43
N GLU B 463 20.03 33.06 -36.43
CA GLU B 463 19.39 32.05 -35.61
C GLU B 463 18.27 31.38 -36.39
N TYR B 464 17.57 30.47 -35.73
CA TYR B 464 16.58 29.63 -36.40
C TYR B 464 15.29 30.40 -36.68
N ASP B 465 14.51 29.87 -37.62
CA ASP B 465 13.26 30.50 -38.06
C ASP B 465 12.02 29.73 -37.64
N PHE B 466 11.97 28.43 -37.89
CA PHE B 466 10.80 27.63 -37.55
C PHE B 466 11.26 26.29 -37.01
N ARG B 467 10.31 25.55 -36.44
CA ARG B 467 10.58 24.25 -35.83
C ARG B 467 9.58 23.24 -36.35
N ILE B 468 10.02 22.00 -36.47
CA ILE B 468 9.16 20.89 -36.85
C ILE B 468 9.12 19.91 -35.69
N LEU B 469 7.93 19.66 -35.16
CA LEU B 469 7.76 18.75 -34.05
C LEU B 469 7.73 17.33 -34.57
N GLY B 470 8.41 16.42 -33.87
CA GLY B 470 8.47 15.03 -34.27
C GLY B 470 8.17 14.12 -33.09
N ASN B 471 7.77 12.89 -33.42
CA ASN B 471 7.48 11.88 -32.41
C ASN B 471 8.69 11.02 -32.07
N ALA B 472 9.87 11.40 -32.52
CA ALA B 472 11.07 10.65 -32.20
C ALA B 472 11.43 10.79 -30.72
N SER B 473 11.86 9.69 -30.13
CA SER B 473 12.26 9.64 -28.73
C SER B 473 13.67 9.09 -28.63
N TYR B 474 14.40 9.51 -27.59
CA TYR B 474 15.79 9.12 -27.43
C TYR B 474 15.92 7.94 -26.48
N ASN B 475 16.78 7.00 -26.85
CA ASN B 475 17.20 5.94 -25.94
C ASN B 475 18.28 6.46 -25.01
N GLN B 476 18.26 5.99 -23.76
CA GLN B 476 19.22 6.47 -22.77
C GLN B 476 20.62 5.92 -23.06
N ASN B 477 20.72 4.73 -23.64
CA ASN B 477 22.00 4.20 -24.10
C ASN B 477 21.86 3.59 -25.49
N THR B 478 22.83 3.88 -26.35
CA THR B 478 22.89 3.35 -27.70
C THR B 478 24.29 2.84 -27.99
N GLY B 479 24.51 2.42 -29.23
CA GLY B 479 25.85 2.00 -29.64
C GLY B 479 26.83 3.17 -29.72
N THR B 480 26.39 4.29 -30.29
CA THR B 480 27.20 5.50 -30.38
C THR B 480 26.51 6.63 -29.61
N GLY B 481 27.02 7.84 -29.77
CA GLY B 481 26.44 8.99 -29.10
C GLY B 481 25.43 9.73 -29.95
N ALA B 482 25.50 11.07 -29.91
CA ALA B 482 24.67 11.99 -30.69
C ALA B 482 23.17 11.81 -30.44
N LEU B 483 22.83 11.41 -29.20
CA LEU B 483 21.45 11.28 -28.71
C LEU B 483 20.62 10.33 -29.58
N GLY B 484 21.06 9.06 -29.61
CA GLY B 484 20.45 8.07 -30.47
C GLY B 484 19.06 7.64 -29.99
N GLY B 485 18.41 6.85 -30.83
CA GLY B 485 17.04 6.44 -30.58
C GLY B 485 16.34 5.97 -31.84
N SER B 486 15.16 6.52 -32.11
CA SER B 486 14.39 6.19 -33.30
C SER B 486 14.40 7.41 -34.22
N ALA B 487 15.42 7.49 -35.07
CA ALA B 487 15.56 8.60 -36.00
C ALA B 487 14.98 8.21 -37.35
N GLU B 488 14.06 9.03 -37.87
CA GLU B 488 13.45 8.83 -39.18
C GLU B 488 13.65 10.13 -39.95
N PRO B 489 14.82 10.31 -40.56
CA PRO B 489 15.14 11.62 -41.18
C PRO B 489 14.36 11.86 -42.45
N GLY B 490 14.09 13.13 -42.71
CA GLY B 490 13.36 13.55 -43.90
C GLY B 490 13.86 14.89 -44.41
N ILE B 491 13.88 15.03 -45.74
CA ILE B 491 14.34 16.27 -46.35
C ILE B 491 13.20 17.29 -46.36
N VAL B 492 13.52 18.51 -45.91
CA VAL B 492 12.62 19.64 -45.92
C VAL B 492 12.98 20.56 -47.08
N LEU B 493 11.96 21.17 -47.67
CA LEU B 493 12.11 22.17 -48.70
C LEU B 493 11.23 23.36 -48.35
N VAL B 494 11.66 24.55 -48.74
CA VAL B 494 10.88 25.75 -48.47
C VAL B 494 10.69 26.53 -49.77
N SER B 495 9.59 27.28 -49.82
CA SER B 495 9.30 28.11 -50.98
C SER B 495 8.50 29.33 -50.54
N LYS B 496 8.64 30.41 -51.31
CA LYS B 496 8.00 31.68 -51.00
C LYS B 496 6.80 31.86 -51.92
N ASP B 497 5.66 32.26 -51.34
CA ASP B 497 4.44 32.52 -52.10
C ASP B 497 4.58 33.88 -52.78
N GLU B 498 5.35 33.89 -53.87
CA GLU B 498 5.60 35.13 -54.60
C GLU B 498 4.39 35.57 -55.41
N ASN B 499 3.71 34.64 -56.06
CA ASN B 499 2.51 34.96 -56.83
C ASN B 499 1.30 35.25 -55.95
N GLY B 500 1.30 34.78 -54.70
CA GLY B 500 0.24 35.12 -53.78
C GLY B 500 -1.08 34.42 -54.02
N ASN B 501 -1.09 33.32 -54.77
CA ASN B 501 -2.33 32.59 -55.02
C ASN B 501 -2.66 31.58 -53.93
N GLY B 502 -1.74 31.33 -53.00
CA GLY B 502 -1.98 30.32 -51.99
C GLY B 502 -1.93 28.90 -52.51
N LEU B 503 -1.25 28.68 -53.63
CA LEU B 503 -1.17 27.37 -54.26
C LEU B 503 0.29 26.94 -54.39
N PRO B 504 0.59 25.64 -54.20
CA PRO B 504 1.98 25.17 -54.29
C PRO B 504 2.45 24.98 -55.73
N ASP B 505 2.60 26.09 -56.44
CA ASP B 505 3.13 26.08 -57.79
C ASP B 505 4.44 26.85 -57.91
N ASP B 506 4.99 27.30 -56.78
CA ASP B 506 6.21 28.10 -56.79
C ASP B 506 7.43 27.20 -56.82
N GLU B 507 8.60 27.80 -56.98
CA GLU B 507 9.84 27.06 -57.13
C GLU B 507 10.34 26.55 -55.78
N TRP B 508 10.73 25.28 -55.75
CA TRP B 508 11.09 24.59 -54.51
C TRP B 508 12.59 24.63 -54.28
N TYR B 509 12.98 25.01 -53.07
CA TYR B 509 14.39 25.10 -52.67
C TYR B 509 14.68 24.09 -51.58
N GLU B 510 15.67 23.23 -51.81
CA GLU B 510 16.06 22.24 -50.83
C GLU B 510 16.96 22.88 -49.77
N LEU B 511 16.81 22.43 -48.53
CA LEU B 511 17.65 22.91 -47.43
C LEU B 511 18.89 22.05 -47.33
N ALA B 512 20.06 22.69 -47.30
CA ALA B 512 21.32 21.98 -47.17
C ALA B 512 21.51 21.50 -45.74
N GLY B 513 21.32 20.20 -45.50
CA GLY B 513 21.49 19.63 -44.18
C GLY B 513 22.92 19.28 -43.88
N SER B 514 23.12 18.56 -42.77
CA SER B 514 24.45 18.11 -42.38
C SER B 514 24.99 17.05 -43.32
N GLU B 515 24.12 16.28 -43.97
CA GLU B 515 24.53 15.26 -44.92
C GLU B 515 24.51 15.75 -46.36
N TYR B 516 24.22 17.02 -46.58
CA TYR B 516 24.13 17.56 -47.93
C TYR B 516 25.53 17.75 -48.52
N GLY B 517 25.67 17.46 -49.81
CA GLY B 517 26.91 17.67 -50.52
C GLY B 517 27.97 16.61 -50.30
N LYS B 518 27.67 15.54 -49.56
CA LYS B 518 28.63 14.49 -49.28
C LYS B 518 28.32 13.26 -50.10
N ASP B 519 29.12 12.20 -49.89
CA ASP B 519 28.88 10.90 -50.52
C ASP B 519 27.86 10.06 -49.75
N THR B 520 27.36 10.56 -48.62
CA THR B 520 26.39 9.86 -47.80
C THR B 520 24.95 10.09 -48.27
N GLU B 521 24.76 10.87 -49.34
CA GLU B 521 23.45 11.10 -49.91
C GLU B 521 23.45 10.71 -51.39
N THR B 522 22.29 10.31 -51.88
CA THR B 522 22.14 9.84 -53.26
C THR B 522 21.14 10.74 -53.97
N ARG B 523 21.64 11.68 -54.75
CA ARG B 523 20.80 12.60 -55.50
C ARG B 523 20.19 11.90 -56.71
N ASN B 524 19.11 12.52 -57.22
CA ASN B 524 18.36 12.07 -58.40
C ASN B 524 17.85 10.63 -58.26
N TYR B 525 17.33 10.31 -57.08
CA TYR B 525 16.82 8.96 -56.85
C TYR B 525 15.33 8.93 -57.18
N GLU B 526 14.96 8.02 -58.08
CA GLU B 526 13.56 7.82 -58.46
C GLU B 526 13.14 6.43 -58.04
N ILE B 527 12.06 6.35 -57.27
CA ILE B 527 11.53 5.09 -56.78
C ILE B 527 10.09 4.99 -57.28
N THR B 528 9.60 3.76 -57.44
CA THR B 528 8.19 3.56 -57.77
C THR B 528 7.64 2.38 -56.98
N TYR B 529 6.39 2.52 -56.55
CA TYR B 529 5.67 1.51 -55.81
C TYR B 529 4.53 0.97 -56.66
N TYR B 530 4.34 -0.34 -56.59
CA TYR B 530 3.29 -1.04 -57.32
C TYR B 530 2.23 -1.50 -56.34
N ARG B 531 0.97 -1.35 -56.70
CA ARG B 531 -0.11 -1.91 -55.90
C ARG B 531 -0.09 -3.43 -56.03
N PRO B 532 -0.02 -4.18 -54.92
CA PRO B 532 -0.02 -5.64 -55.02
C PRO B 532 -1.36 -6.17 -55.51
N GLN B 533 -1.29 -7.29 -56.22
CA GLN B 533 -2.50 -7.90 -56.78
C GLN B 533 -3.35 -8.56 -55.70
N PRO B 534 -2.80 -9.19 -54.65
CA PRO B 534 -3.59 -9.32 -53.42
C PRO B 534 -3.70 -7.97 -52.72
N ALA B 535 -4.83 -7.75 -52.05
CA ALA B 535 -5.01 -6.52 -51.31
C ALA B 535 -4.11 -6.46 -50.08
N ASN B 536 -3.94 -7.59 -49.40
CA ASN B 536 -3.17 -7.67 -48.17
C ASN B 536 -1.74 -8.14 -48.38
N GLY B 537 -1.12 -7.77 -49.51
CA GLY B 537 0.21 -8.25 -49.82
C GLY B 537 1.31 -7.25 -49.52
N ASP B 538 2.54 -7.76 -49.57
CA ASP B 538 3.73 -6.92 -49.42
C ASP B 538 3.85 -6.00 -50.64
N VAL B 539 4.24 -4.75 -50.40
CA VAL B 539 4.18 -3.74 -51.47
C VAL B 539 5.54 -3.67 -52.14
N ARG B 540 5.55 -3.86 -53.46
CA ARG B 540 6.80 -3.93 -54.21
C ARG B 540 7.24 -2.54 -54.66
N TRP B 541 8.54 -2.29 -54.55
CA TRP B 541 9.15 -1.05 -55.01
C TRP B 541 10.37 -1.36 -55.85
N THR B 542 10.53 -0.60 -56.93
CA THR B 542 11.70 -0.67 -57.79
C THR B 542 12.25 0.73 -58.01
N ASP B 543 13.56 0.83 -58.14
CA ASP B 543 14.22 2.12 -58.31
C ASP B 543 15.06 2.14 -59.60
N ASN B 544 15.55 3.33 -59.93
CA ASN B 544 16.40 3.52 -61.09
C ASN B 544 17.87 3.20 -60.81
N GLN B 545 18.22 2.85 -59.58
CA GLN B 545 19.57 2.49 -59.21
C GLN B 545 19.84 0.99 -59.30
N GLY B 546 18.91 0.22 -59.87
CA GLY B 546 19.06 -1.21 -59.97
C GLY B 546 18.55 -2.00 -58.79
N GLY B 547 17.98 -1.33 -57.78
CA GLY B 547 17.50 -2.04 -56.62
C GLY B 547 16.02 -2.38 -56.71
N GLU B 548 15.70 -3.58 -56.26
CA GLU B 548 14.34 -4.08 -56.19
C GLU B 548 14.09 -4.54 -54.77
N GLY B 549 12.88 -4.32 -54.28
CA GLY B 549 12.57 -4.76 -52.93
C GLY B 549 11.10 -4.64 -52.61
N PHE B 550 10.80 -4.91 -51.34
CA PHE B 550 9.44 -4.83 -50.84
C PHE B 550 9.45 -4.06 -49.53
N VAL B 551 8.33 -3.40 -49.23
CA VAL B 551 8.03 -3.04 -47.86
C VAL B 551 7.02 -4.06 -47.34
N TYR B 552 7.25 -4.52 -46.11
CA TYR B 552 6.70 -5.78 -45.64
C TYR B 552 5.47 -5.55 -44.79
N ARG B 553 4.59 -6.55 -44.75
CA ARG B 553 3.47 -6.51 -43.82
C ARG B 553 3.92 -6.98 -42.44
N ASN B 554 3.52 -6.22 -41.43
CA ASN B 554 3.72 -6.60 -40.04
C ASN B 554 2.35 -6.78 -39.39
N SER B 555 2.33 -7.53 -38.29
CA SER B 555 1.06 -7.91 -37.68
C SER B 555 0.44 -6.83 -36.82
N TYR B 556 1.14 -5.71 -36.60
CA TYR B 556 0.56 -4.61 -35.83
C TYR B 556 -0.53 -3.89 -36.61
N HIS B 557 -0.26 -3.58 -37.87
CA HIS B 557 -1.18 -2.81 -38.70
C HIS B 557 -1.79 -3.76 -39.71
N GLN B 558 -3.06 -4.09 -39.52
CA GLN B 558 -3.76 -5.09 -40.31
C GLN B 558 -4.95 -4.49 -41.04
N GLN B 559 -4.75 -3.34 -41.68
CA GLN B 559 -5.78 -2.75 -42.52
C GLN B 559 -5.83 -3.47 -43.87
N ASP B 560 -6.65 -2.94 -44.78
CA ASP B 560 -6.91 -3.62 -46.05
C ASP B 560 -5.68 -3.63 -46.95
N SER B 561 -4.95 -2.51 -47.01
CA SER B 561 -3.75 -2.45 -47.83
C SER B 561 -2.82 -1.37 -47.28
N TYR B 562 -1.52 -1.65 -47.35
CA TYR B 562 -0.51 -0.64 -47.07
C TYR B 562 -0.38 0.39 -48.19
N TYR B 563 -0.81 0.04 -49.39
CA TYR B 563 -0.92 0.98 -50.49
C TYR B 563 -2.06 1.96 -50.21
N PRO B 564 -1.90 3.23 -50.60
CA PRO B 564 -2.97 4.21 -50.35
C PRO B 564 -4.20 3.94 -51.20
N ASN B 565 -5.36 3.90 -50.53
CA ASN B 565 -6.59 3.48 -51.20
C ASN B 565 -7.21 4.58 -52.04
N TRP B 566 -6.92 5.85 -51.75
CA TRP B 566 -7.46 6.95 -52.53
C TRP B 566 -6.66 7.23 -53.80
N ILE B 567 -5.56 6.50 -54.00
CA ILE B 567 -4.82 6.54 -55.26
C ILE B 567 -5.53 5.66 -56.26
N GLU B 568 -5.84 6.21 -57.44
CA GLU B 568 -6.54 5.45 -58.46
C GLU B 568 -5.61 4.74 -59.43
N GLU B 569 -4.34 5.11 -59.48
CA GLU B 569 -3.42 4.47 -60.42
C GLU B 569 -2.74 3.28 -59.77
N ASP B 570 -2.34 2.32 -60.62
CA ASP B 570 -1.70 1.11 -60.14
C ASP B 570 -0.28 1.41 -59.64
N GLU B 571 0.49 2.14 -60.43
CA GLU B 571 1.89 2.43 -60.11
C GLU B 571 2.02 3.90 -59.75
N ILE B 572 2.77 4.19 -58.68
CA ILE B 572 3.08 5.55 -58.28
C ILE B 572 4.58 5.70 -58.19
N THR B 573 5.08 6.91 -58.43
CA THR B 573 6.50 7.19 -58.44
C THR B 573 6.82 8.38 -57.55
N PHE B 574 8.03 8.41 -57.02
CA PHE B 574 8.53 9.51 -56.22
C PHE B 574 9.96 9.83 -56.60
N ARG B 575 10.31 11.12 -56.52
CA ARG B 575 11.59 11.63 -56.97
C ARG B 575 12.20 12.47 -55.87
N GLY B 576 13.46 12.19 -55.54
CA GLY B 576 14.12 12.96 -54.50
C GLY B 576 15.47 12.36 -54.15
N THR B 577 16.07 12.91 -53.11
CA THR B 577 17.39 12.48 -52.65
C THR B 577 17.23 11.37 -51.62
N ARG B 578 18.01 10.30 -51.77
CA ARG B 578 18.01 9.21 -50.81
C ARG B 578 19.17 9.41 -49.85
N LEU B 579 18.88 9.36 -48.55
CA LEU B 579 19.93 9.41 -47.55
C LEU B 579 20.46 8.01 -47.26
N LYS B 580 21.62 7.96 -46.63
CA LYS B 580 22.18 6.69 -46.19
C LYS B 580 21.33 6.12 -45.07
N ASP B 581 21.11 4.81 -45.10
CA ASP B 581 20.33 4.14 -44.07
C ASP B 581 20.99 4.26 -42.71
N ASN B 582 20.22 4.72 -41.72
CA ASN B 582 20.75 5.03 -40.40
C ASN B 582 20.40 4.00 -39.34
N ALA B 583 19.59 3.00 -39.66
CA ALA B 583 19.22 1.97 -38.71
C ALA B 583 20.19 0.79 -38.80
N ILE B 584 20.69 0.36 -37.65
CA ILE B 584 21.69 -0.68 -37.55
C ILE B 584 21.11 -1.85 -36.76
N ASN B 585 21.28 -3.06 -37.28
CA ASN B 585 20.77 -4.27 -36.63
C ASN B 585 21.61 -4.55 -35.39
N GLU B 586 21.04 -4.32 -34.22
CA GLU B 586 21.57 -4.86 -32.97
C GLU B 586 20.74 -6.02 -32.44
N GLY B 587 19.87 -6.60 -33.27
CA GLY B 587 18.98 -7.65 -32.85
C GLY B 587 17.53 -7.24 -32.97
N GLY B 588 16.77 -7.40 -31.90
CA GLY B 588 15.43 -6.85 -31.80
C GLY B 588 15.39 -5.46 -31.25
N THR B 589 16.55 -4.82 -31.10
CA THR B 589 16.69 -3.51 -30.48
C THR B 589 17.29 -2.49 -31.46
N TRP B 590 16.73 -2.47 -32.68
CA TRP B 590 17.11 -1.53 -33.74
C TRP B 590 17.10 -0.08 -33.29
N VAL B 591 18.21 0.61 -33.54
CA VAL B 591 18.39 2.00 -33.15
C VAL B 591 18.58 2.80 -34.42
N GLY B 592 17.70 3.77 -34.65
CA GLY B 592 17.91 4.74 -35.71
C GLY B 592 18.86 5.81 -35.25
N TYR B 593 20.09 5.81 -35.78
CA TYR B 593 21.09 6.77 -35.35
C TYR B 593 20.84 8.12 -35.99
N CYS B 594 20.88 9.16 -35.16
CA CYS B 594 20.47 10.49 -35.60
C CYS B 594 21.58 11.18 -36.35
N TYR B 595 21.26 11.72 -37.52
CA TYR B 595 22.13 12.67 -38.18
C TYR B 595 22.15 13.98 -37.39
N PRO B 596 23.23 14.78 -37.50
CA PRO B 596 23.36 15.96 -36.62
C PRO B 596 22.26 17.02 -36.77
N TRP B 597 22.03 17.53 -37.97
CA TRP B 597 21.08 18.62 -38.12
C TRP B 597 20.57 18.67 -39.56
N GLY B 598 19.45 19.36 -39.74
CA GLY B 598 18.95 19.67 -41.06
C GLY B 598 17.97 18.69 -41.66
N TYR B 599 17.28 17.88 -40.84
CA TYR B 599 16.35 16.90 -41.36
C TYR B 599 15.13 16.78 -40.44
N ALA B 600 13.97 16.55 -41.05
CA ALA B 600 12.73 16.44 -40.29
C ALA B 600 12.62 15.06 -39.65
N ASP B 601 12.13 15.05 -38.39
CA ASP B 601 12.00 13.86 -37.54
C ASP B 601 13.32 13.13 -37.39
N ASN B 602 14.42 13.88 -37.37
CA ASN B 602 15.76 13.35 -37.21
C ASN B 602 16.18 13.29 -35.75
N HIS B 603 15.73 14.25 -34.96
CA HIS B 603 16.02 14.38 -33.55
C HIS B 603 14.71 14.48 -32.80
N PRO B 604 14.71 14.22 -31.49
CA PRO B 604 13.54 14.55 -30.67
C PRO B 604 13.27 16.06 -30.70
N ASN B 605 11.99 16.40 -30.56
CA ASN B 605 11.50 17.70 -30.96
C ASN B 605 11.97 18.84 -30.05
N ARG B 606 12.49 18.51 -28.87
CA ARG B 606 13.07 19.51 -27.99
C ARG B 606 14.58 19.31 -27.88
N SER B 607 15.24 20.22 -27.15
CA SER B 607 16.67 20.16 -26.80
C SER B 607 17.56 20.22 -28.04
N GLU B 608 17.33 21.26 -28.85
CA GLU B 608 18.19 21.73 -29.95
C GLU B 608 18.26 20.76 -31.13
N PHE B 609 18.74 21.27 -32.27
CA PHE B 609 19.03 20.53 -33.51
C PHE B 609 17.78 19.95 -34.17
N SER B 610 16.59 20.32 -33.69
CA SER B 610 15.35 20.02 -34.37
C SER B 610 14.74 21.25 -35.01
N GLN B 611 15.36 22.40 -34.84
CA GLN B 611 14.91 23.66 -35.41
C GLN B 611 15.47 23.81 -36.83
N PHE B 612 14.93 24.79 -37.55
CA PHE B 612 15.35 25.05 -38.92
C PHE B 612 15.38 26.55 -39.18
N LYS B 613 16.30 26.96 -40.06
CA LYS B 613 16.41 28.34 -40.49
C LYS B 613 16.34 28.40 -42.01
N ILE B 614 15.99 29.58 -42.51
CA ILE B 614 15.85 29.79 -43.96
C ILE B 614 17.22 29.75 -44.64
N ASP B 615 18.28 30.12 -43.91
CA ASP B 615 19.62 30.29 -44.49
C ASP B 615 20.26 29.00 -44.97
N TRP B 616 19.72 27.83 -44.63
CA TRP B 616 20.23 26.56 -45.16
C TRP B 616 19.67 26.22 -46.53
N ALA B 617 18.73 27.00 -47.05
CA ALA B 617 18.10 26.66 -48.31
C ALA B 617 19.02 26.96 -49.49
N VAL B 618 19.13 26.00 -50.40
CA VAL B 618 19.90 26.15 -51.63
C VAL B 618 19.00 25.78 -52.81
N ASP B 619 19.41 26.20 -54.00
CA ASP B 619 18.63 25.94 -55.20
C ASP B 619 18.96 24.55 -55.76
N GLN B 620 18.54 24.30 -56.99
CA GLN B 620 18.88 23.05 -57.67
C GLN B 620 20.38 22.96 -57.94
N ASN B 621 21.01 24.08 -58.30
CA ASN B 621 22.43 24.12 -58.60
C ASN B 621 23.30 24.21 -57.36
N GLY B 622 22.71 24.29 -56.17
CA GLY B 622 23.47 24.32 -54.94
C GLY B 622 23.94 25.69 -54.49
N ASN B 623 23.50 26.75 -55.15
CA ASN B 623 23.87 28.11 -54.75
C ASN B 623 22.98 28.57 -53.61
N HIS B 624 23.56 29.38 -52.73
CA HIS B 624 22.81 29.91 -51.59
C HIS B 624 21.86 31.01 -52.04
N VAL B 625 20.60 30.90 -51.62
CA VAL B 625 19.57 31.87 -51.96
C VAL B 625 19.03 32.47 -50.67
N GLU B 626 19.00 33.79 -50.60
CA GLU B 626 18.48 34.51 -49.44
C GLU B 626 17.05 34.95 -49.72
N LEU B 627 16.12 34.59 -48.83
CA LEU B 627 14.72 34.95 -48.95
C LEU B 627 14.28 35.75 -47.74
N ASP B 628 13.61 36.88 -47.98
CA ASP B 628 13.18 37.76 -46.90
C ASP B 628 12.03 37.20 -46.07
N LYS B 629 11.14 36.42 -46.68
CA LYS B 629 10.06 35.77 -45.97
C LYS B 629 9.87 34.38 -46.55
N ILE B 630 9.07 33.56 -45.87
CA ILE B 630 8.87 32.20 -46.34
C ILE B 630 7.41 31.82 -46.05
N ASP B 631 6.85 30.96 -46.89
CA ASP B 631 5.46 30.57 -46.72
C ASP B 631 5.21 29.07 -46.74
N PHE B 632 5.92 28.32 -47.58
CA PHE B 632 5.57 26.95 -47.91
C PHE B 632 6.65 26.00 -47.43
N VAL B 633 6.24 24.97 -46.67
CA VAL B 633 7.15 23.97 -46.14
C VAL B 633 6.73 22.61 -46.67
N LYS B 634 7.66 21.92 -47.34
CA LYS B 634 7.45 20.61 -47.92
C LYS B 634 8.35 19.61 -47.20
N ILE B 635 7.80 18.47 -46.82
CA ILE B 635 8.53 17.45 -46.08
C ILE B 635 8.38 16.12 -46.81
N TYR B 636 9.50 15.46 -47.12
CA TYR B 636 9.39 14.10 -47.63
C TYR B 636 10.44 13.22 -46.98
N THR B 637 10.17 11.92 -46.97
CA THR B 637 11.02 10.96 -46.28
C THR B 637 12.32 10.74 -47.05
N ALA B 638 13.45 10.81 -46.32
CA ALA B 638 14.77 10.76 -46.92
C ALA B 638 15.38 9.36 -46.96
N VAL B 639 14.83 8.40 -46.21
CA VAL B 639 15.48 7.11 -46.02
C VAL B 639 14.59 6.02 -46.58
N ASN B 640 15.13 5.20 -47.47
CA ASN B 640 14.47 4.01 -47.99
C ASN B 640 15.11 2.81 -47.31
N GLN B 641 14.50 2.35 -46.23
CA GLN B 641 15.03 1.24 -45.45
C GLN B 641 13.91 0.49 -44.77
N ASN B 642 13.94 -0.83 -44.86
CA ASN B 642 13.10 -1.69 -44.03
C ASN B 642 13.85 -2.02 -42.75
N VAL B 643 13.11 -2.08 -41.64
CA VAL B 643 13.68 -2.38 -40.34
C VAL B 643 13.25 -3.74 -39.84
N GLY B 644 11.99 -4.09 -40.04
CA GLY B 644 11.46 -5.33 -39.48
C GLY B 644 10.12 -5.10 -38.83
N TRP B 645 10.05 -5.30 -37.52
CA TRP B 645 8.78 -5.16 -36.81
C TRP B 645 8.34 -3.70 -36.67
N MET B 646 9.22 -2.72 -36.86
CA MET B 646 8.71 -1.37 -37.00
C MET B 646 8.56 -0.93 -38.45
N GLY B 647 8.66 -1.86 -39.40
CA GLY B 647 8.36 -1.56 -40.78
C GLY B 647 9.42 -0.72 -41.45
N GLU B 648 8.96 0.15 -42.35
CA GLU B 648 9.85 1.06 -43.05
C GLU B 648 10.16 2.28 -42.20
N ILE B 649 11.20 3.02 -42.62
CA ILE B 649 11.49 4.31 -41.99
C ILE B 649 10.47 5.32 -42.50
N SER B 650 9.65 5.82 -41.58
CA SER B 650 8.55 6.70 -41.92
C SER B 650 8.71 8.03 -41.20
N THR B 651 8.69 9.12 -41.95
CA THR B 651 8.74 10.44 -41.34
C THR B 651 7.35 10.84 -40.86
N GLU B 652 7.20 11.01 -39.56
CA GLU B 652 5.94 11.45 -38.98
C GLU B 652 6.04 12.92 -38.61
N VAL B 653 5.10 13.71 -39.11
CA VAL B 653 5.04 15.13 -38.84
C VAL B 653 3.99 15.37 -37.76
N MET B 654 4.40 15.98 -36.65
CA MET B 654 3.45 16.27 -35.58
C MET B 654 2.67 17.54 -35.89
N THR B 655 3.37 18.68 -35.89
CA THR B 655 2.84 19.99 -36.27
C THR B 655 4.04 20.92 -36.40
N VAL B 656 4.11 21.61 -37.55
CA VAL B 656 5.12 22.63 -37.79
C VAL B 656 4.70 23.89 -37.03
N GLU B 657 5.68 24.64 -36.53
CA GLU B 657 5.37 25.86 -35.78
C GLU B 657 6.50 26.87 -35.94
N ASP B 658 6.13 28.15 -36.09
CA ASP B 658 7.12 29.19 -36.22
C ASP B 658 7.48 29.80 -34.87
N LEU B 659 8.64 30.44 -34.82
CA LEU B 659 9.12 31.09 -33.60
C LEU B 659 8.66 32.53 -33.48
N HIS B 660 7.86 33.03 -34.41
CA HIS B 660 7.45 34.43 -34.40
C HIS B 660 5.94 34.56 -34.48
C1 GAL C . -26.74 12.22 -19.45
C2 GAL C . -25.96 13.43 -18.90
C3 GAL C . -24.55 13.61 -19.58
C4 GAL C . -24.40 12.90 -20.96
C5 GAL C . -25.76 12.82 -21.70
C6 GAL C . -25.72 11.98 -22.98
O2 GAL C . -26.67 14.65 -19.06
O3 GAL C . -23.53 13.11 -18.73
O4 GAL C . -23.82 11.61 -20.82
O5 GAL C . -26.88 12.30 -20.89
O6 GAL C . -27.01 11.89 -23.57
#